data_8EE5
#
_entry.id   8EE5
#
_cell.length_a   51.681
_cell.length_b   103.672
_cell.length_c   196.698
_cell.angle_alpha   90.00
_cell.angle_beta   90.00
_cell.angle_gamma   90.00
#
_symmetry.space_group_name_H-M   'P 21 2 21'
#
loop_
_entity.id
_entity.type
_entity.pdbx_description
1 polymer 'Envelope protein E'
2 polymer 'rhMZ119-D antibody heavy chain'
3 polymer 'rhMZ119-D antibody light chain'
4 branched 2-acetamido-2-deoxy-beta-D-glucopyranose-(1-4)-2-acetamido-2-deoxy-beta-D-glucopyranose
#
loop_
_entity_poly.entity_id
_entity_poly.type
_entity_poly.pdbx_seq_one_letter_code
_entity_poly.pdbx_strand_id
1 'polypeptide(L)'
;IRCIGVSNRDFVEGMSGGTWVDVVLEHGGCVTVMAQDKPTVDIELVTTTVSNMAEVRSYCYEASISDMASDSRCPTQGEA
YLDKQSDTQYVCKRTLVDRGWGNGCGLFGKGSLVTCAKFACSKKMTGKSIQPENLEYRIMLSVHGSQHSGMIVNDTGHET
DENRAKVEITPNSPRAEATLGGFGSLGLDCEPRTGLDFSDLYYLTMNNKHWLVHKEWFHDIPLPWHAGADTGTPHWNNKE
ALVEFKDAHAKRQTVVVLGSQEGAVHTALAGALEAEMDGAKGRLSSGHLKCRLKMDKLRLKGVSYSLCTAAFTFTKIPAE
TLHGTVTVEVQYAGTDGPCKVPAQMAVDMQTLTPVGRLITANPVITESTENSKMMLELDPPFGDSYIVIGVGEKKITHHW
HRSGS
;
Z
2 'polypeptide(L)'
;EVQLVQSGAEVKRPGESLKISCKTSGYSFTSYWISWVRQMPGKGLEWMGAIDPSDSDTRYSPSFQGQVTISADKSISTAY
LQWSSLKASDSATYYCAKEGIAARSLDVWGRGVLVTVSSASTKGPSVFPLAPSSRSTSESTAALGCLVKDYFPEPVTVSW
NSGSLTSGVHTFPAVLQSSGLYSLSSVVTVPSSSLGTQTYVCNVNHKPSNTKVDKRVE
;
H
3 'polypeptide(L)'
;SYELTQPPSVSVSPGQTARITCSGDALPKKYAYWFQQKPGQSPVLIIYEDSKRPSGIPERFSGSSSGTVATLTISGAQVE
DEADYYCYSTDSSGYHGLFGGGTRLTVLGQPKAAPSVTLFPPSSEELQANKATLVCLISDFYPGAVEVAWKADGSAVNAG
VETTKPSKQSNNKYAASSYLSLTSDQWKSHKSYSCQVTHEGSTVEKTVAPAE
;
L
#
# COMPACT_ATOMS: atom_id res chain seq x y z
N ILE A 1 41.06 -24.12 -17.58
CA ILE A 1 41.43 -24.37 -16.20
C ILE A 1 40.26 -24.05 -15.27
N ARG A 2 39.06 -23.94 -15.85
CA ARG A 2 37.86 -23.58 -15.10
C ARG A 2 37.37 -24.70 -14.19
N CYS A 3 38.08 -25.82 -14.07
CA CYS A 3 37.62 -26.94 -13.26
C CYS A 3 38.56 -27.28 -12.11
N ILE A 4 39.61 -26.50 -11.91
CA ILE A 4 40.52 -26.75 -10.79
C ILE A 4 39.77 -26.44 -9.49
N GLY A 5 39.51 -27.47 -8.69
CA GLY A 5 38.76 -27.32 -7.46
C GLY A 5 37.34 -27.85 -7.50
N VAL A 6 36.95 -28.52 -8.57
CA VAL A 6 35.58 -29.05 -8.69
C VAL A 6 35.44 -30.31 -7.84
N SER A 7 34.34 -30.39 -7.10
CA SER A 7 34.08 -31.57 -6.28
C SER A 7 33.87 -32.80 -7.13
N ASN A 8 32.94 -32.74 -8.09
CA ASN A 8 32.59 -33.89 -8.93
C ASN A 8 33.28 -33.71 -10.29
N ARG A 9 34.54 -34.13 -10.35
CA ARG A 9 35.31 -34.08 -11.59
C ARG A 9 35.39 -35.49 -12.19
N ASP A 10 35.85 -35.55 -13.44
CA ASP A 10 35.97 -36.81 -14.16
C ASP A 10 37.23 -36.78 -15.00
N PHE A 11 38.23 -37.59 -14.61
CA PHE A 11 39.51 -37.68 -15.32
C PHE A 11 39.35 -38.54 -16.57
N VAL A 12 38.67 -37.98 -17.57
CA VAL A 12 38.45 -38.70 -18.82
C VAL A 12 39.75 -38.70 -19.62
N GLU A 13 40.30 -39.88 -19.85
CA GLU A 13 41.56 -40.04 -20.57
C GLU A 13 41.25 -40.43 -22.01
N GLY A 14 41.68 -39.61 -22.96
CA GLY A 14 41.42 -39.84 -24.36
C GLY A 14 42.34 -40.88 -24.96
N MET A 15 42.10 -41.15 -26.25
CA MET A 15 42.85 -42.17 -26.97
C MET A 15 43.97 -41.51 -27.76
N SER A 16 45.17 -42.10 -27.69
CA SER A 16 46.32 -41.61 -28.43
C SER A 16 46.07 -41.62 -29.93
N GLY A 17 45.99 -40.43 -30.54
CA GLY A 17 45.71 -40.33 -31.95
C GLY A 17 44.23 -40.28 -32.27
N GLY A 18 43.45 -41.12 -31.59
CA GLY A 18 42.03 -41.20 -31.89
C GLY A 18 41.31 -39.90 -31.59
N THR A 19 40.33 -39.58 -32.42
CA THR A 19 39.53 -38.37 -32.27
C THR A 19 38.23 -38.61 -31.51
N TRP A 20 38.01 -39.84 -31.02
CA TRP A 20 36.75 -40.21 -30.40
C TRP A 20 36.93 -40.24 -28.88
N VAL A 21 36.19 -39.39 -28.19
CA VAL A 21 36.15 -39.37 -26.73
C VAL A 21 34.69 -39.16 -26.30
N ASP A 22 34.17 -40.11 -25.52
CA ASP A 22 32.80 -40.04 -25.02
C ASP A 22 32.81 -39.41 -23.63
N VAL A 23 32.07 -38.31 -23.48
CA VAL A 23 32.05 -37.54 -22.24
C VAL A 23 30.60 -37.31 -21.84
N VAL A 24 30.31 -37.45 -20.55
CA VAL A 24 29.00 -37.21 -19.97
C VAL A 24 29.08 -35.98 -19.08
N LEU A 25 28.19 -35.01 -19.30
CA LEU A 25 28.22 -33.73 -18.61
C LEU A 25 27.05 -33.66 -17.62
N GLU A 26 27.36 -33.75 -16.34
CA GLU A 26 26.41 -33.56 -15.27
C GLU A 26 26.48 -32.12 -14.78
N HIS A 27 25.34 -31.56 -14.39
CA HIS A 27 25.33 -30.23 -13.79
C HIS A 27 26.14 -30.24 -12.51
N GLY A 28 26.87 -29.15 -12.27
CA GLY A 28 27.77 -29.09 -11.15
C GLY A 28 29.01 -29.96 -11.28
N GLY A 29 29.20 -30.58 -12.42
CA GLY A 29 30.37 -31.42 -12.64
C GLY A 29 31.05 -31.08 -13.94
N CYS A 30 32.37 -31.26 -13.96
CA CYS A 30 33.19 -30.96 -15.12
C CYS A 30 34.03 -32.17 -15.49
N VAL A 31 34.63 -32.11 -16.67
CA VAL A 31 35.43 -33.20 -17.23
C VAL A 31 36.72 -32.62 -17.79
N THR A 32 37.85 -33.13 -17.34
CA THR A 32 39.16 -32.77 -17.86
C THR A 32 39.59 -33.82 -18.87
N VAL A 33 39.76 -33.42 -20.13
CA VAL A 33 40.08 -34.33 -21.21
C VAL A 33 41.55 -34.18 -21.54
N MET A 34 42.35 -35.19 -21.17
CA MET A 34 43.74 -35.29 -21.57
C MET A 34 43.89 -36.39 -22.62
N ALA A 35 44.82 -36.19 -23.55
CA ALA A 35 44.92 -37.06 -24.71
C ALA A 35 46.38 -37.14 -25.15
N GLN A 36 46.59 -37.50 -26.41
CA GLN A 36 47.93 -37.54 -27.00
C GLN A 36 48.37 -36.11 -27.28
N ASP A 37 49.46 -35.88 -28.03
CA ASP A 37 50.03 -34.57 -28.46
C ASP A 37 48.97 -33.51 -28.79
N LYS A 38 48.01 -33.32 -27.89
CA LYS A 38 46.93 -32.36 -28.04
C LYS A 38 46.71 -31.71 -26.68
N PRO A 39 46.29 -30.45 -26.65
CA PRO A 39 46.09 -29.78 -25.35
C PRO A 39 44.93 -30.41 -24.59
N THR A 40 45.08 -30.44 -23.27
CA THR A 40 44.01 -30.92 -22.39
C THR A 40 42.95 -29.84 -22.24
N VAL A 41 41.68 -30.26 -22.33
CA VAL A 41 40.56 -29.33 -22.44
C VAL A 41 39.60 -29.57 -21.28
N ASP A 42 39.22 -28.51 -20.59
CA ASP A 42 38.18 -28.56 -19.57
C ASP A 42 36.82 -28.35 -20.21
N ILE A 43 35.86 -29.22 -19.87
CA ILE A 43 34.54 -29.21 -20.48
C ILE A 43 33.51 -29.19 -19.36
N GLU A 44 32.58 -28.25 -19.42
CA GLU A 44 31.58 -28.07 -18.38
C GLU A 44 30.25 -27.66 -18.98
N LEU A 45 29.17 -28.29 -18.51
CA LEU A 45 27.81 -27.90 -18.85
C LEU A 45 27.31 -26.93 -17.77
N VAL A 46 27.20 -25.66 -18.11
CA VAL A 46 26.91 -24.64 -17.11
C VAL A 46 25.41 -24.37 -16.99
N THR A 47 24.66 -24.40 -18.08
CA THR A 47 23.26 -24.00 -18.02
C THR A 47 22.42 -24.84 -18.97
N THR A 48 21.22 -25.16 -18.50
CA THR A 48 20.21 -25.96 -19.22
C THR A 48 18.91 -25.15 -19.21
N THR A 49 18.88 -24.03 -19.93
CA THR A 49 17.73 -23.12 -19.96
C THR A 49 16.60 -23.67 -20.82
N VAL A 50 15.40 -23.11 -20.68
CA VAL A 50 14.20 -23.48 -21.47
C VAL A 50 13.76 -22.25 -22.27
N SER A 51 13.01 -22.42 -23.36
CA SER A 51 12.55 -21.32 -24.24
C SER A 51 11.17 -20.80 -23.81
N ASN A 52 10.49 -19.97 -24.62
CA ASN A 52 9.23 -19.41 -24.09
C ASN A 52 8.34 -20.56 -23.64
N MET A 53 7.86 -20.44 -22.40
CA MET A 53 6.94 -21.41 -21.77
C MET A 53 5.60 -20.69 -21.77
N ALA A 54 4.56 -21.36 -22.21
CA ALA A 54 3.22 -20.76 -22.21
C ALA A 54 2.49 -21.11 -20.93
N GLU A 55 1.80 -20.10 -20.37
CA GLU A 55 1.01 -20.30 -19.16
C GLU A 55 -0.18 -21.22 -19.48
N VAL A 56 -0.12 -22.46 -18.99
CA VAL A 56 -1.21 -23.40 -19.25
C VAL A 56 -2.36 -23.15 -18.29
N ARG A 57 -2.09 -23.16 -16.98
CA ARG A 57 -3.13 -23.01 -15.99
C ARG A 57 -2.63 -22.06 -14.91
N SER A 58 -3.53 -21.71 -13.98
CA SER A 58 -3.18 -20.83 -12.86
C SER A 58 -4.19 -21.06 -11.76
N TYR A 59 -3.73 -21.56 -10.62
CA TYR A 59 -4.62 -21.81 -9.48
C TYR A 59 -4.58 -20.62 -8.52
N CYS A 60 -5.41 -20.69 -7.49
CA CYS A 60 -5.50 -19.66 -6.47
C CYS A 60 -5.24 -20.25 -5.10
N TYR A 61 -4.51 -19.52 -4.25
CA TYR A 61 -4.26 -19.97 -2.90
C TYR A 61 -4.45 -18.88 -1.85
N GLU A 62 -4.87 -17.68 -2.24
CA GLU A 62 -5.25 -16.65 -1.28
C GLU A 62 -6.29 -15.75 -1.93
N ALA A 63 -7.52 -15.82 -1.43
CA ALA A 63 -8.64 -15.08 -1.99
C ALA A 63 -9.08 -13.97 -1.04
N SER A 64 -9.83 -13.02 -1.60
CA SER A 64 -10.39 -11.91 -0.85
C SER A 64 -11.85 -11.77 -1.24
N ILE A 65 -12.73 -11.86 -0.25
CA ILE A 65 -14.17 -11.78 -0.48
C ILE A 65 -14.63 -10.34 -0.28
N SER A 66 -15.72 -9.97 -0.93
CA SER A 66 -16.21 -8.60 -0.88
C SER A 66 -17.65 -8.54 -1.35
N ASP A 67 -18.37 -7.52 -0.87
CA ASP A 67 -19.72 -7.20 -1.32
C ASP A 67 -20.65 -8.39 -1.20
N MET A 68 -20.84 -8.84 0.03
CA MET A 68 -21.72 -10.00 0.24
C MET A 68 -23.09 -9.51 0.65
N ALA A 69 -24.10 -10.36 0.46
CA ALA A 69 -25.48 -10.06 0.81
C ALA A 69 -26.27 -11.36 0.82
N SER A 70 -27.45 -11.31 1.43
CA SER A 70 -28.30 -12.48 1.55
C SER A 70 -29.76 -12.04 1.43
N ASP A 71 -30.42 -12.45 0.35
CA ASP A 71 -31.84 -12.20 0.16
C ASP A 71 -32.63 -13.43 0.59
N SER A 72 -33.68 -13.20 1.38
CA SER A 72 -34.48 -14.28 1.92
C SER A 72 -35.96 -14.02 1.64
N ARG A 73 -36.67 -15.07 1.25
CA ARG A 73 -38.10 -14.99 1.01
C ARG A 73 -38.84 -15.88 2.01
N CYS A 74 -40.12 -15.59 2.18
CA CYS A 74 -40.97 -16.34 3.09
C CYS A 74 -41.37 -17.68 2.49
N PRO A 75 -41.78 -18.64 3.32
CA PRO A 75 -42.20 -19.94 2.79
C PRO A 75 -43.42 -19.81 1.89
N THR A 76 -43.41 -20.57 0.79
CA THR A 76 -44.47 -20.55 -0.21
C THR A 76 -44.70 -19.16 -0.80
N GLN A 77 -43.66 -18.33 -0.81
CA GLN A 77 -43.76 -16.96 -1.28
C GLN A 77 -42.81 -16.65 -2.43
N GLY A 78 -42.22 -17.67 -3.05
CA GLY A 78 -41.35 -17.48 -4.18
C GLY A 78 -39.91 -17.88 -3.89
N GLU A 79 -39.13 -17.95 -4.95
CA GLU A 79 -37.72 -18.31 -4.87
C GLU A 79 -36.90 -17.04 -4.66
N ALA A 80 -36.11 -17.02 -3.59
CA ALA A 80 -35.32 -15.83 -3.27
C ALA A 80 -34.22 -15.63 -4.30
N TYR A 81 -34.09 -14.40 -4.79
CA TYR A 81 -33.01 -14.04 -5.70
C TYR A 81 -32.43 -12.69 -5.28
N LEU A 82 -31.27 -12.37 -5.82
CA LEU A 82 -30.56 -11.14 -5.50
C LEU A 82 -30.43 -10.27 -6.75
N ASP A 83 -29.74 -9.14 -6.58
CA ASP A 83 -29.55 -8.20 -7.68
C ASP A 83 -28.32 -8.51 -8.53
N LYS A 84 -27.37 -9.28 -8.00
CA LYS A 84 -26.14 -9.62 -8.70
C LYS A 84 -25.84 -11.11 -8.57
N GLN A 85 -26.85 -11.94 -8.88
CA GLN A 85 -26.64 -13.38 -8.86
C GLN A 85 -25.88 -13.85 -10.10
N SER A 86 -26.37 -13.49 -11.29
CA SER A 86 -25.81 -13.97 -12.54
C SER A 86 -24.42 -13.41 -12.83
N ASP A 87 -23.86 -12.57 -11.97
CA ASP A 87 -22.50 -12.10 -12.15
C ASP A 87 -21.52 -13.24 -11.85
N THR A 88 -20.59 -13.47 -12.77
CA THR A 88 -19.69 -14.62 -12.64
C THR A 88 -18.68 -14.44 -11.51
N GLN A 89 -18.24 -13.22 -11.25
CA GLN A 89 -17.29 -12.96 -10.18
C GLN A 89 -17.89 -13.11 -8.79
N TYR A 90 -19.14 -13.53 -8.68
CA TYR A 90 -19.82 -13.69 -7.40
C TYR A 90 -20.08 -15.16 -7.12
N VAL A 91 -19.66 -15.61 -5.94
CA VAL A 91 -19.98 -16.95 -5.46
C VAL A 91 -21.23 -16.87 -4.60
N CYS A 92 -22.16 -17.80 -4.82
CA CYS A 92 -23.45 -17.76 -4.17
C CYS A 92 -23.87 -19.13 -3.68
N LYS A 93 -24.58 -19.17 -2.55
CA LYS A 93 -25.17 -20.38 -2.02
C LYS A 93 -26.64 -20.12 -1.72
N ARG A 94 -27.52 -20.96 -2.27
CA ARG A 94 -28.96 -20.84 -2.09
C ARG A 94 -29.43 -22.02 -1.25
N THR A 95 -29.69 -21.78 0.02
CA THR A 95 -30.10 -22.82 0.96
C THR A 95 -31.45 -22.46 1.58
N LEU A 96 -31.96 -23.37 2.41
CA LEU A 96 -33.21 -23.17 3.11
C LEU A 96 -32.94 -22.74 4.55
N VAL A 97 -33.84 -21.92 5.09
CA VAL A 97 -33.70 -21.39 6.44
C VAL A 97 -35.06 -21.43 7.13
N ASP A 98 -35.09 -21.97 8.35
CA ASP A 98 -36.32 -22.04 9.12
C ASP A 98 -36.88 -20.63 9.37
N ARG A 99 -38.17 -20.47 9.15
CA ARG A 99 -38.87 -19.22 9.36
C ARG A 99 -40.03 -19.43 10.33
N GLY A 100 -40.77 -18.36 10.56
CA GLY A 100 -41.89 -18.40 11.48
C GLY A 100 -42.41 -17.00 11.73
N TRP A 101 -43.38 -16.92 12.65
CA TRP A 101 -43.96 -15.63 13.00
C TRP A 101 -42.95 -14.71 13.68
N GLY A 102 -41.87 -15.26 14.26
CA GLY A 102 -40.88 -14.42 14.89
C GLY A 102 -40.04 -13.65 13.89
N ASN A 103 -39.68 -14.29 12.78
CA ASN A 103 -38.89 -13.64 11.74
C ASN A 103 -39.70 -12.69 10.89
N GLY A 104 -41.02 -12.87 10.82
CA GLY A 104 -41.88 -11.96 10.08
C GLY A 104 -42.82 -12.66 9.11
N CYS A 105 -42.44 -13.86 8.68
CA CYS A 105 -43.26 -14.60 7.73
C CYS A 105 -44.46 -15.23 8.43
N GLY A 106 -45.62 -15.15 7.77
CA GLY A 106 -46.86 -15.63 8.33
C GLY A 106 -47.08 -17.11 8.29
N LEU A 107 -46.08 -17.90 7.91
CA LEU A 107 -46.21 -19.34 7.83
C LEU A 107 -45.03 -20.01 8.54
N PHE A 108 -45.28 -21.21 9.06
CA PHE A 108 -44.27 -21.98 9.80
C PHE A 108 -43.75 -23.06 8.88
N GLY A 109 -42.56 -22.84 8.33
CA GLY A 109 -41.95 -23.80 7.44
C GLY A 109 -40.60 -23.28 6.98
N LYS A 110 -39.94 -24.08 6.16
CA LYS A 110 -38.63 -23.71 5.64
C LYS A 110 -38.78 -22.74 4.48
N GLY A 111 -37.90 -21.74 4.45
CA GLY A 111 -37.91 -20.72 3.43
C GLY A 111 -36.62 -20.71 2.62
N SER A 112 -36.60 -19.81 1.64
CA SER A 112 -35.46 -19.69 0.75
C SER A 112 -34.48 -18.63 1.26
N LEU A 113 -33.23 -18.75 0.80
CA LEU A 113 -32.17 -17.82 1.14
C LEU A 113 -31.05 -17.97 0.14
N VAL A 114 -30.53 -16.85 -0.34
CA VAL A 114 -29.41 -16.84 -1.27
C VAL A 114 -28.38 -15.83 -0.78
N THR A 115 -27.13 -16.25 -0.70
CA THR A 115 -26.02 -15.40 -0.25
C THR A 115 -24.99 -15.31 -1.36
N CYS A 116 -24.59 -14.09 -1.71
CA CYS A 116 -23.59 -13.88 -2.75
C CYS A 116 -22.47 -13.00 -2.22
N ALA A 117 -21.28 -13.18 -2.79
CA ALA A 117 -20.12 -12.39 -2.41
C ALA A 117 -19.15 -12.37 -3.59
N LYS A 118 -18.44 -11.25 -3.75
CA LYS A 118 -17.58 -11.06 -4.90
C LYS A 118 -16.23 -11.75 -4.67
N PHE A 119 -15.80 -12.53 -5.65
CA PHE A 119 -14.53 -13.25 -5.57
C PHE A 119 -13.40 -12.39 -6.15
N ALA A 120 -12.25 -12.42 -5.49
CA ALA A 120 -11.07 -11.69 -5.94
C ALA A 120 -9.85 -12.40 -5.37
N CYS A 121 -9.15 -13.15 -6.22
CA CYS A 121 -8.01 -13.94 -5.79
C CYS A 121 -6.81 -13.01 -5.57
N SER A 122 -6.37 -12.90 -4.32
CA SER A 122 -5.24 -12.02 -4.00
C SER A 122 -3.93 -12.62 -4.47
N LYS A 123 -3.55 -13.77 -3.93
CA LYS A 123 -2.31 -14.46 -4.31
C LYS A 123 -2.66 -15.71 -5.09
N LYS A 124 -2.14 -15.82 -6.30
CA LYS A 124 -2.41 -16.94 -7.20
C LYS A 124 -1.10 -17.49 -7.74
N MET A 125 -1.12 -18.77 -8.12
CA MET A 125 0.04 -19.42 -8.70
C MET A 125 -0.25 -19.77 -10.16
N THR A 126 0.83 -20.00 -10.91
CA THR A 126 0.75 -20.27 -12.34
C THR A 126 1.48 -21.56 -12.68
N GLY A 127 0.94 -22.31 -13.62
CA GLY A 127 1.56 -23.53 -14.10
C GLY A 127 1.79 -23.51 -15.60
N LYS A 128 3.04 -23.66 -16.03
CA LYS A 128 3.43 -23.51 -17.42
C LYS A 128 3.79 -24.86 -18.03
N SER A 129 4.01 -24.85 -19.34
CA SER A 129 4.32 -26.05 -20.11
C SER A 129 5.76 -26.02 -20.62
N ILE A 130 6.35 -27.19 -20.74
CA ILE A 130 7.72 -27.35 -21.23
C ILE A 130 7.69 -28.26 -22.45
N GLN A 131 8.52 -27.95 -23.43
CA GLN A 131 8.67 -28.76 -24.63
C GLN A 131 10.14 -29.05 -24.88
N PRO A 132 10.46 -30.22 -25.42
CA PRO A 132 11.85 -30.49 -25.83
C PRO A 132 12.39 -29.48 -26.81
N GLU A 133 11.52 -28.91 -27.66
CA GLU A 133 11.95 -27.87 -28.59
C GLU A 133 12.44 -26.63 -27.86
N ASN A 134 12.01 -26.44 -26.60
CA ASN A 134 12.25 -25.20 -25.87
C ASN A 134 13.59 -25.19 -25.16
N LEU A 135 14.04 -26.34 -24.66
CA LEU A 135 15.25 -26.34 -23.85
C LEU A 135 16.47 -26.03 -24.71
N GLU A 136 17.48 -25.42 -24.07
CA GLU A 136 18.69 -25.00 -24.76
C GLU A 136 19.85 -25.09 -23.79
N TYR A 137 20.81 -25.97 -24.08
CA TYR A 137 21.95 -26.16 -23.20
C TYR A 137 22.98 -25.06 -23.40
N ARG A 138 24.03 -25.10 -22.59
CA ARG A 138 25.09 -24.09 -22.67
C ARG A 138 26.36 -24.71 -22.08
N ILE A 139 27.37 -24.91 -22.92
CA ILE A 139 28.59 -25.61 -22.52
C ILE A 139 29.76 -24.64 -22.64
N MET A 140 30.56 -24.56 -21.58
CA MET A 140 31.76 -23.75 -21.56
C MET A 140 32.99 -24.66 -21.49
N LEU A 141 34.00 -24.35 -22.28
CA LEU A 141 35.23 -25.12 -22.30
C LEU A 141 36.43 -24.20 -22.14
N SER A 142 37.41 -24.64 -21.36
CA SER A 142 38.61 -23.84 -21.08
C SER A 142 39.83 -24.75 -21.10
N VAL A 143 40.75 -24.46 -22.01
CA VAL A 143 41.95 -25.27 -22.17
C VAL A 143 42.97 -24.91 -21.10
N HIS A 144 43.78 -25.88 -20.64
CA HIS A 144 44.93 -25.60 -19.74
C HIS A 144 46.04 -25.01 -20.60
N GLY A 145 45.79 -23.86 -21.20
CA GLY A 145 46.68 -23.22 -22.16
C GLY A 145 47.77 -22.42 -21.49
N SER A 146 48.27 -22.92 -20.35
CA SER A 146 49.35 -22.26 -19.60
C SER A 146 48.95 -20.83 -19.26
N GLN A 147 47.87 -20.75 -18.48
CA GLN A 147 47.26 -19.45 -18.11
C GLN A 147 47.85 -18.94 -16.81
N HIS A 148 48.05 -17.63 -16.75
CA HIS A 148 48.64 -16.98 -15.56
C HIS A 148 47.71 -17.11 -14.36
N SER A 149 48.29 -17.35 -13.19
CA SER A 149 47.64 -17.32 -11.85
C SER A 149 46.53 -18.34 -11.69
N GLY A 150 45.68 -18.02 -10.72
CA GLY A 150 44.49 -18.80 -10.44
C GLY A 150 43.30 -18.02 -10.92
N MET A 151 43.32 -16.69 -10.81
CA MET A 151 42.08 -16.03 -11.18
C MET A 151 41.97 -15.86 -12.70
N ILE A 152 41.93 -17.01 -13.36
CA ILE A 152 41.72 -17.11 -14.83
C ILE A 152 40.39 -17.85 -14.98
N VAL A 153 39.60 -17.80 -13.90
CA VAL A 153 38.26 -18.46 -13.80
C VAL A 153 37.21 -17.35 -13.80
N ASN A 154 37.44 -16.29 -14.59
CA ASN A 154 36.49 -15.15 -14.68
C ASN A 154 36.03 -14.99 -16.14
N ASP A 155 34.72 -14.84 -16.33
CA ASP A 155 34.10 -14.74 -17.68
C ASP A 155 34.18 -13.31 -18.21
N THR A 156 34.74 -12.38 -17.41
CA THR A 156 34.89 -10.97 -17.84
C THR A 156 35.65 -11.01 -19.17
N GLY A 157 35.12 -10.35 -20.21
CA GLY A 157 35.80 -10.45 -21.51
C GLY A 157 35.61 -11.83 -22.12
N HIS A 158 36.70 -12.61 -22.24
CA HIS A 158 36.73 -13.97 -22.83
C HIS A 158 36.60 -13.89 -24.36
N GLU A 159 35.68 -13.04 -24.85
CA GLU A 159 35.52 -12.83 -26.29
C GLU A 159 36.85 -12.55 -26.96
N THR A 160 37.74 -11.83 -26.29
CA THR A 160 39.08 -11.56 -26.78
C THR A 160 40.09 -12.58 -26.27
N ASP A 161 39.64 -13.73 -25.80
CA ASP A 161 40.49 -14.73 -25.18
C ASP A 161 40.35 -16.05 -25.93
N GLU A 162 41.48 -16.65 -26.29
CA GLU A 162 41.51 -17.98 -26.87
C GLU A 162 41.45 -19.00 -25.73
N ASN A 163 41.63 -20.28 -26.05
CA ASN A 163 41.71 -21.40 -25.11
C ASN A 163 40.51 -21.45 -24.17
N ARG A 164 39.50 -20.60 -24.39
CA ARG A 164 38.31 -20.59 -23.54
C ARG A 164 37.13 -20.07 -24.35
N ALA A 165 36.14 -20.93 -24.58
CA ALA A 165 35.01 -20.56 -25.42
C ALA A 165 33.69 -21.02 -24.80
N LYS A 166 32.61 -20.41 -25.26
CA LYS A 166 31.25 -20.79 -24.90
C LYS A 166 30.51 -21.25 -26.14
N VAL A 167 29.74 -22.32 -25.99
CA VAL A 167 28.93 -22.84 -27.09
C VAL A 167 27.50 -23.04 -26.60
N GLU A 168 26.54 -22.76 -27.46
CA GLU A 168 25.12 -22.98 -27.19
C GLU A 168 24.64 -24.14 -28.04
N ILE A 169 23.73 -24.93 -27.49
CA ILE A 169 23.28 -26.16 -28.14
C ILE A 169 21.76 -26.28 -27.99
N THR A 170 21.11 -26.67 -29.08
CA THR A 170 19.67 -26.86 -29.14
C THR A 170 19.38 -28.24 -29.70
N PRO A 171 18.34 -28.93 -29.20
CA PRO A 171 17.98 -30.24 -29.76
C PRO A 171 17.78 -30.22 -31.26
N ASN A 172 17.29 -29.11 -31.81
CA ASN A 172 17.10 -29.01 -33.26
C ASN A 172 18.44 -29.05 -33.98
N SER A 173 19.38 -28.18 -33.59
CA SER A 173 20.68 -28.07 -34.26
C SER A 173 21.78 -28.11 -33.20
N PRO A 174 22.14 -29.31 -32.71
CA PRO A 174 23.18 -29.45 -31.68
C PRO A 174 24.58 -29.74 -32.23
N ARG A 175 25.06 -28.90 -33.13
CA ARG A 175 26.33 -29.10 -33.80
C ARG A 175 27.44 -28.27 -33.17
N ALA A 176 27.30 -26.94 -33.21
CA ALA A 176 28.00 -26.00 -32.32
C ALA A 176 29.52 -26.11 -32.18
N GLU A 177 30.21 -25.95 -33.30
CA GLU A 177 31.66 -26.05 -33.30
C GLU A 177 32.26 -24.99 -32.38
N ALA A 178 33.22 -25.40 -31.55
CA ALA A 178 33.89 -24.51 -30.61
C ALA A 178 35.21 -24.06 -31.18
N THR A 179 35.36 -22.76 -31.41
CA THR A 179 36.58 -22.19 -31.96
C THR A 179 37.48 -21.67 -30.84
N LEU A 180 38.77 -21.98 -30.94
CA LEU A 180 39.84 -21.50 -30.01
C LEU A 180 41.04 -21.18 -30.89
N GLY A 181 41.12 -19.97 -31.43
CA GLY A 181 42.06 -19.64 -32.51
C GLY A 181 43.50 -20.04 -32.26
N GLY A 182 44.03 -19.88 -31.06
CA GLY A 182 45.41 -20.32 -30.88
C GLY A 182 45.54 -21.82 -31.09
N PHE A 183 44.59 -22.61 -30.60
CA PHE A 183 44.72 -24.09 -30.66
C PHE A 183 43.88 -24.71 -31.76
N GLY A 184 43.19 -23.93 -32.57
CA GLY A 184 42.45 -24.52 -33.67
C GLY A 184 40.95 -24.59 -33.41
N SER A 185 40.29 -25.57 -33.98
CA SER A 185 38.87 -25.79 -33.79
C SER A 185 38.64 -27.03 -32.95
N LEU A 186 37.40 -27.19 -32.49
CA LEU A 186 37.04 -28.32 -31.63
C LEU A 186 35.56 -28.62 -31.87
N GLY A 187 35.28 -29.66 -32.66
CA GLY A 187 33.91 -30.06 -32.88
C GLY A 187 33.31 -30.77 -31.69
N LEU A 188 31.97 -30.72 -31.61
CA LEU A 188 31.27 -31.31 -30.48
C LEU A 188 29.85 -31.65 -30.94
N ASP A 189 29.62 -32.90 -31.31
CA ASP A 189 28.31 -33.38 -31.71
C ASP A 189 27.63 -33.97 -30.49
N CYS A 190 26.71 -33.20 -29.90
CA CYS A 190 26.05 -33.55 -28.64
C CYS A 190 24.62 -34.00 -28.90
N GLU A 191 24.12 -34.88 -28.03
CA GLU A 191 22.79 -35.46 -28.19
C GLU A 191 21.93 -35.20 -26.97
N PRO A 192 20.81 -34.49 -27.11
CA PRO A 192 19.87 -34.34 -25.99
C PRO A 192 19.00 -35.57 -25.85
N ARG A 193 17.93 -35.47 -25.07
CA ARG A 193 16.98 -36.53 -24.69
C ARG A 193 17.55 -37.44 -23.63
N THR A 194 18.83 -37.31 -23.27
CA THR A 194 19.34 -38.01 -22.10
C THR A 194 18.80 -37.43 -20.80
N GLY A 195 18.45 -36.13 -20.81
CA GLY A 195 17.82 -35.51 -19.68
C GLY A 195 16.45 -36.10 -19.40
N LEU A 196 16.31 -36.78 -18.26
CA LEU A 196 15.09 -37.48 -17.89
C LEU A 196 14.37 -36.71 -16.78
N ASP A 197 13.17 -36.22 -17.08
CA ASP A 197 12.57 -36.33 -18.41
C ASP A 197 11.81 -35.06 -18.79
N PHE A 198 11.05 -35.09 -19.89
CA PHE A 198 10.20 -33.91 -20.23
C PHE A 198 8.87 -34.39 -20.83
N SER A 199 8.56 -35.68 -20.67
CA SER A 199 7.40 -36.30 -21.30
C SER A 199 6.07 -35.58 -21.07
N ASP A 200 5.64 -35.48 -19.81
CA ASP A 200 4.42 -34.76 -19.45
C ASP A 200 4.59 -34.19 -18.03
N LEU A 201 5.22 -33.01 -17.95
CA LEU A 201 5.38 -32.30 -16.69
C LEU A 201 4.91 -30.86 -16.86
N TYR A 202 4.92 -30.12 -15.75
CA TYR A 202 4.58 -28.71 -15.74
C TYR A 202 5.62 -27.92 -14.94
N TYR A 203 5.80 -26.67 -15.33
CA TYR A 203 6.71 -25.75 -14.65
C TYR A 203 5.87 -24.86 -13.73
N LEU A 204 5.84 -25.20 -12.45
CA LEU A 204 4.95 -24.56 -11.48
C LEU A 204 5.67 -23.45 -10.74
N THR A 205 5.08 -22.25 -10.76
CA THR A 205 5.58 -21.10 -10.02
C THR A 205 4.46 -20.59 -9.12
N MET A 206 4.77 -20.32 -7.86
CA MET A 206 3.78 -19.91 -6.87
C MET A 206 3.95 -18.47 -6.42
N ASN A 207 5.08 -18.15 -5.77
CA ASN A 207 5.40 -16.77 -5.41
C ASN A 207 6.68 -16.33 -6.09
N ASN A 208 7.79 -16.98 -5.79
CA ASN A 208 9.01 -16.83 -6.58
C ASN A 208 9.80 -18.12 -6.65
N LYS A 209 9.32 -19.20 -6.04
CA LYS A 209 10.00 -20.49 -5.99
C LYS A 209 9.28 -21.45 -6.92
N HIS A 210 10.04 -22.14 -7.77
CA HIS A 210 9.47 -22.92 -8.86
C HIS A 210 9.89 -24.38 -8.74
N TRP A 211 9.04 -25.27 -9.26
CA TRP A 211 9.31 -26.70 -9.27
C TRP A 211 8.77 -27.29 -10.57
N LEU A 212 8.98 -28.59 -10.74
CA LEU A 212 8.48 -29.34 -11.89
C LEU A 212 7.53 -30.40 -11.38
N VAL A 213 6.26 -30.31 -11.76
CA VAL A 213 5.22 -31.19 -11.24
C VAL A 213 4.71 -32.09 -12.36
N HIS A 214 3.86 -33.04 -11.98
CA HIS A 214 3.31 -34.01 -12.91
C HIS A 214 2.04 -33.48 -13.58
N LYS A 215 1.44 -34.30 -14.43
CA LYS A 215 0.24 -33.91 -15.14
C LYS A 215 -0.98 -34.00 -14.23
N GLU A 216 -1.32 -35.21 -13.77
CA GLU A 216 -2.54 -35.42 -13.02
C GLU A 216 -2.49 -34.90 -11.59
N TRP A 217 -1.29 -34.76 -11.01
CA TRP A 217 -1.19 -34.11 -9.71
C TRP A 217 -1.60 -32.65 -9.79
N PHE A 218 -1.04 -31.92 -10.76
CA PHE A 218 -1.38 -30.51 -10.92
C PHE A 218 -2.81 -30.35 -11.44
N HIS A 219 -3.32 -31.35 -12.17
CA HIS A 219 -4.72 -31.30 -12.57
C HIS A 219 -5.66 -31.52 -11.39
N ASP A 220 -5.27 -32.36 -10.43
CA ASP A 220 -6.12 -32.72 -9.29
C ASP A 220 -5.67 -31.90 -8.08
N ILE A 221 -6.17 -30.66 -8.02
CA ILE A 221 -5.92 -29.78 -6.88
C ILE A 221 -7.21 -29.05 -6.54
N PRO A 222 -7.71 -29.16 -5.31
CA PRO A 222 -8.98 -28.49 -4.95
C PRO A 222 -8.79 -27.00 -4.67
N LEU A 223 -8.56 -26.23 -5.72
CA LEU A 223 -8.33 -24.80 -5.63
C LEU A 223 -8.94 -24.13 -6.85
N PRO A 224 -9.34 -22.86 -6.74
CA PRO A 224 -9.84 -22.14 -7.91
C PRO A 224 -8.78 -22.07 -9.00
N TRP A 225 -9.24 -22.03 -10.25
CA TRP A 225 -8.31 -22.06 -11.37
C TRP A 225 -8.96 -21.42 -12.59
N HIS A 226 -8.11 -21.02 -13.53
CA HIS A 226 -8.54 -20.59 -14.85
C HIS A 226 -7.44 -20.90 -15.85
N ALA A 227 -7.83 -21.30 -17.05
CA ALA A 227 -6.88 -21.81 -18.05
C ALA A 227 -6.34 -20.73 -18.97
N GLY A 228 -6.86 -19.52 -18.84
CA GLY A 228 -6.37 -18.45 -19.72
C GLY A 228 -5.13 -17.79 -19.17
N ALA A 229 -4.53 -16.93 -19.97
CA ALA A 229 -3.37 -16.14 -19.49
C ALA A 229 -3.84 -14.69 -19.32
N ASP A 230 -5.15 -14.44 -19.43
CA ASP A 230 -5.66 -13.05 -19.38
C ASP A 230 -5.34 -12.38 -18.04
N THR A 231 -4.99 -11.10 -18.10
CA THR A 231 -4.77 -10.27 -16.90
C THR A 231 -5.99 -9.36 -16.72
N GLY A 232 -6.97 -9.46 -17.64
CA GLY A 232 -8.15 -8.58 -17.60
C GLY A 232 -9.29 -9.10 -16.73
N THR A 233 -9.04 -9.25 -15.42
CA THR A 233 -10.10 -9.63 -14.44
C THR A 233 -10.93 -10.81 -14.95
N PRO A 234 -10.34 -11.99 -15.21
CA PRO A 234 -11.05 -13.13 -15.78
C PRO A 234 -11.87 -13.86 -14.72
N HIS A 235 -12.79 -14.71 -15.16
CA HIS A 235 -13.70 -15.50 -14.30
C HIS A 235 -12.99 -16.74 -13.76
N TRP A 236 -12.93 -16.87 -12.44
CA TRP A 236 -12.28 -17.98 -11.77
C TRP A 236 -13.24 -19.16 -11.67
N ASN A 237 -12.80 -20.33 -12.14
CA ASN A 237 -13.59 -21.54 -12.03
C ASN A 237 -13.35 -22.22 -10.69
N ASN A 238 -14.36 -22.96 -10.22
CA ASN A 238 -14.30 -23.68 -8.96
C ASN A 238 -13.96 -22.76 -7.80
N LYS A 239 -14.81 -21.74 -7.62
CA LYS A 239 -14.69 -20.81 -6.51
C LYS A 239 -15.20 -21.37 -5.19
N GLU A 240 -15.77 -22.58 -5.21
CA GLU A 240 -16.33 -23.16 -3.99
C GLU A 240 -15.28 -23.78 -3.09
N ALA A 241 -14.12 -24.16 -3.64
CA ALA A 241 -13.09 -24.82 -2.86
C ALA A 241 -12.37 -23.89 -1.90
N LEU A 242 -12.61 -22.58 -1.98
CA LEU A 242 -12.00 -21.63 -1.05
C LEU A 242 -13.02 -20.82 -0.26
N VAL A 243 -14.30 -20.87 -0.62
CA VAL A 243 -15.34 -20.09 0.03
C VAL A 243 -16.32 -21.06 0.67
N GLU A 244 -16.54 -20.93 1.98
CA GLU A 244 -17.41 -21.81 2.72
C GLU A 244 -18.56 -21.01 3.33
N PHE A 245 -19.73 -21.65 3.41
CA PHE A 245 -20.91 -21.07 4.02
C PHE A 245 -21.29 -21.90 5.23
N LYS A 246 -21.53 -21.24 6.37
CA LYS A 246 -21.82 -21.96 7.60
C LYS A 246 -22.81 -21.18 8.46
N ASP A 247 -23.86 -21.88 8.90
CA ASP A 247 -24.76 -21.40 9.96
C ASP A 247 -25.45 -20.09 9.59
N ALA A 248 -26.25 -20.17 8.53
CA ALA A 248 -27.22 -19.10 8.28
C ALA A 248 -28.30 -19.14 9.35
N HIS A 249 -28.80 -17.96 9.72
CA HIS A 249 -29.80 -17.86 10.76
C HIS A 249 -31.15 -17.37 10.23
N ALA A 250 -31.21 -16.14 9.72
CA ALA A 250 -32.41 -15.68 9.03
C ALA A 250 -32.10 -14.79 7.84
N LYS A 251 -31.05 -13.97 7.89
CA LYS A 251 -30.78 -13.00 6.85
C LYS A 251 -29.31 -12.88 6.48
N ARG A 252 -28.43 -13.74 7.02
CA ARG A 252 -27.00 -13.64 6.73
C ARG A 252 -26.39 -15.01 6.95
N GLN A 253 -26.07 -15.70 5.85
CA GLN A 253 -25.29 -16.93 5.91
C GLN A 253 -23.84 -16.55 6.12
N THR A 254 -23.28 -16.91 7.28
CA THR A 254 -21.91 -16.53 7.61
C THR A 254 -20.93 -17.16 6.62
N VAL A 255 -20.29 -16.33 5.81
CA VAL A 255 -19.31 -16.77 4.83
C VAL A 255 -17.94 -16.73 5.47
N VAL A 256 -17.12 -17.74 5.16
CA VAL A 256 -15.79 -17.87 5.74
C VAL A 256 -14.82 -18.34 4.67
N VAL A 257 -13.67 -17.68 4.56
CA VAL A 257 -12.63 -18.06 3.62
C VAL A 257 -11.71 -19.07 4.29
N LEU A 258 -11.16 -19.99 3.50
CA LEU A 258 -10.33 -21.06 4.02
C LEU A 258 -8.86 -20.66 4.14
N GLY A 259 -8.57 -19.36 4.19
CA GLY A 259 -7.21 -18.89 4.42
C GLY A 259 -6.26 -19.15 3.26
N SER A 260 -4.99 -18.85 3.51
CA SER A 260 -3.96 -19.06 2.52
C SER A 260 -3.63 -20.55 2.38
N GLN A 261 -2.97 -20.89 1.27
CA GLN A 261 -2.65 -22.29 0.99
C GLN A 261 -1.23 -22.48 0.50
N GLU A 262 -0.34 -21.52 0.75
CA GLU A 262 1.04 -21.62 0.26
C GLU A 262 1.76 -22.80 0.91
N GLY A 263 1.91 -22.76 2.23
CA GLY A 263 2.56 -23.87 2.92
C GLY A 263 1.80 -25.17 2.77
N ALA A 264 0.48 -25.10 2.60
CA ALA A 264 -0.30 -26.32 2.36
C ALA A 264 0.20 -27.04 1.12
N VAL A 265 0.52 -26.30 0.06
CA VAL A 265 1.09 -26.91 -1.13
C VAL A 265 2.57 -27.26 -0.90
N HIS A 266 3.28 -26.45 -0.11
CA HIS A 266 4.68 -26.74 0.18
C HIS A 266 4.84 -28.09 0.86
N THR A 267 3.88 -28.49 1.70
CA THR A 267 3.91 -29.82 2.27
C THR A 267 3.64 -30.89 1.21
N ALA A 268 2.88 -30.54 0.17
CA ALA A 268 2.63 -31.45 -0.94
C ALA A 268 3.75 -31.44 -1.98
N LEU A 269 4.77 -30.62 -1.80
CA LEU A 269 5.88 -30.53 -2.74
C LEU A 269 7.20 -30.99 -2.14
N ALA A 270 7.18 -31.58 -0.95
CA ALA A 270 8.38 -32.17 -0.37
C ALA A 270 8.69 -33.46 -1.09
N GLY A 271 9.70 -33.43 -1.96
CA GLY A 271 10.04 -34.55 -2.81
C GLY A 271 9.97 -34.25 -4.30
N ALA A 272 9.33 -33.14 -4.67
CA ALA A 272 9.28 -32.75 -6.07
C ALA A 272 10.62 -32.17 -6.52
N LEU A 273 10.84 -32.21 -7.83
CA LEU A 273 12.08 -31.69 -8.40
C LEU A 273 12.02 -30.17 -8.44
N GLU A 274 13.00 -29.52 -7.83
CA GLU A 274 13.02 -28.07 -7.73
C GLU A 274 13.35 -27.44 -9.09
N ALA A 275 13.27 -26.12 -9.14
CA ALA A 275 13.52 -25.38 -10.37
C ALA A 275 13.99 -23.98 -10.04
N GLU A 276 14.39 -23.24 -11.06
CA GLU A 276 14.91 -21.89 -10.91
C GLU A 276 14.70 -21.14 -12.21
N MET A 277 14.26 -19.88 -12.10
CA MET A 277 14.03 -19.11 -13.34
C MET A 277 15.31 -18.37 -13.71
N ASP A 278 15.28 -17.68 -14.84
CA ASP A 278 16.40 -16.92 -15.38
C ASP A 278 15.89 -15.60 -15.96
N GLY A 279 15.02 -14.93 -15.21
CA GLY A 279 14.40 -13.70 -15.67
C GLY A 279 13.18 -13.95 -16.51
N ALA A 280 13.37 -14.53 -17.70
CA ALA A 280 12.29 -14.91 -18.59
C ALA A 280 12.22 -16.41 -18.79
N LYS A 281 13.36 -17.06 -19.05
CA LYS A 281 13.41 -18.50 -19.22
C LYS A 281 13.55 -19.19 -17.86
N GLY A 282 13.63 -20.51 -17.89
CA GLY A 282 13.78 -21.29 -16.68
C GLY A 282 14.96 -22.24 -16.75
N ARG A 283 15.58 -22.47 -15.60
CA ARG A 283 16.72 -23.36 -15.50
C ARG A 283 16.29 -24.74 -15.01
N LEU A 284 17.10 -25.74 -15.33
CA LEU A 284 16.90 -27.11 -14.91
C LEU A 284 18.09 -27.58 -14.09
N SER A 285 17.91 -28.73 -13.43
CA SER A 285 18.97 -29.26 -12.56
C SER A 285 19.20 -30.75 -12.75
N SER A 286 18.59 -31.39 -13.75
CA SER A 286 18.81 -32.82 -13.98
C SER A 286 20.05 -33.04 -14.83
N GLY A 287 20.07 -32.46 -16.03
CA GLY A 287 21.27 -32.52 -16.86
C GLY A 287 21.53 -33.92 -17.37
N HIS A 288 22.71 -34.45 -17.03
CA HIS A 288 23.18 -35.75 -17.51
C HIS A 288 23.16 -35.80 -19.04
N LEU A 289 23.96 -34.93 -19.64
CA LEU A 289 23.99 -34.76 -21.09
C LEU A 289 25.11 -35.62 -21.67
N LYS A 290 24.74 -36.67 -22.39
CA LYS A 290 25.71 -37.52 -23.06
C LYS A 290 26.21 -36.85 -24.33
N CYS A 291 27.53 -36.88 -24.53
CA CYS A 291 28.13 -36.09 -25.60
C CYS A 291 29.38 -36.76 -26.13
N ARG A 292 29.74 -36.41 -27.38
CA ARG A 292 30.87 -37.03 -28.06
C ARG A 292 31.57 -35.97 -28.92
N LEU A 293 32.68 -35.44 -28.41
CA LEU A 293 33.42 -34.38 -29.08
C LEU A 293 34.51 -34.99 -29.94
N LYS A 294 34.67 -34.44 -31.15
CA LYS A 294 35.74 -34.84 -32.06
C LYS A 294 36.82 -33.76 -32.02
N MET A 295 38.05 -34.17 -31.80
CA MET A 295 39.18 -33.26 -31.59
C MET A 295 40.14 -33.27 -32.79
N ASP A 296 39.59 -33.34 -33.99
CA ASP A 296 40.43 -33.39 -35.19
C ASP A 296 41.31 -32.17 -35.41
N LYS A 297 40.72 -31.00 -35.50
CA LYS A 297 41.45 -29.78 -35.82
C LYS A 297 42.06 -29.08 -34.56
N LEU A 298 42.21 -29.85 -33.49
CA LEU A 298 42.81 -29.31 -32.28
C LEU A 298 44.30 -29.30 -32.59
N ARG A 299 44.97 -28.23 -32.17
CA ARG A 299 46.40 -28.06 -32.42
C ARG A 299 47.08 -27.56 -31.16
N LEU A 300 48.18 -28.22 -30.79
CA LEU A 300 48.89 -27.88 -29.56
C LEU A 300 49.76 -26.66 -29.80
N LYS A 301 49.48 -25.58 -29.06
CA LYS A 301 50.28 -24.36 -29.17
C LYS A 301 51.48 -24.46 -28.24
N GLY A 302 52.65 -24.11 -28.77
CA GLY A 302 53.87 -24.09 -27.99
C GLY A 302 54.80 -25.27 -28.18
N VAL A 303 54.88 -25.83 -29.37
CA VAL A 303 55.82 -26.92 -29.62
C VAL A 303 57.15 -26.41 -30.14
N SER A 304 57.13 -25.28 -30.84
CA SER A 304 58.39 -24.73 -31.39
C SER A 304 59.17 -24.07 -30.26
N TYR A 305 58.50 -23.71 -29.18
CA TYR A 305 59.18 -23.00 -28.07
C TYR A 305 60.30 -23.88 -27.51
N SER A 306 61.43 -23.27 -27.19
CA SER A 306 62.60 -24.01 -26.65
C SER A 306 62.63 -23.84 -25.13
N LEU A 307 62.81 -24.96 -24.42
CA LEU A 307 62.85 -25.11 -22.95
C LEU A 307 63.46 -23.92 -22.19
N CYS A 308 62.66 -23.25 -21.36
CA CYS A 308 63.11 -22.02 -20.65
C CYS A 308 64.42 -22.21 -19.90
N THR A 309 65.14 -21.12 -19.71
CA THR A 309 66.47 -21.27 -19.13
C THR A 309 66.62 -20.62 -17.76
N ALA A 310 66.00 -19.45 -17.54
CA ALA A 310 66.17 -18.75 -16.28
C ALA A 310 65.46 -19.50 -15.16
N ALA A 311 65.53 -18.93 -13.96
CA ALA A 311 65.00 -19.58 -12.76
C ALA A 311 63.56 -19.18 -12.51
N PHE A 312 62.76 -20.15 -12.08
CA PHE A 312 61.40 -19.90 -11.64
C PHE A 312 61.38 -19.59 -10.13
N THR A 313 60.23 -19.14 -9.66
CA THR A 313 60.00 -18.89 -8.24
C THR A 313 58.60 -19.34 -7.88
N PHE A 314 58.45 -19.94 -6.72
CA PHE A 314 57.14 -20.39 -6.25
C PHE A 314 56.30 -19.17 -5.88
N THR A 315 55.21 -18.96 -6.63
CA THR A 315 54.33 -17.82 -6.37
C THR A 315 53.31 -18.11 -5.28
N LYS A 316 52.98 -19.38 -5.06
CA LYS A 316 52.00 -19.75 -4.05
C LYS A 316 52.26 -21.20 -3.64
N ILE A 317 51.87 -21.52 -2.40
CA ILE A 317 52.15 -22.84 -1.85
C ILE A 317 51.31 -23.89 -2.59
N PRO A 318 51.93 -24.94 -3.12
CA PRO A 318 51.15 -25.97 -3.82
C PRO A 318 50.19 -26.68 -2.88
N ALA A 319 49.01 -27.01 -3.40
CA ALA A 319 47.96 -27.67 -2.64
C ALA A 319 47.45 -28.89 -3.38
N GLU A 320 46.91 -29.84 -2.63
CA GLU A 320 46.44 -31.11 -3.17
C GLU A 320 44.94 -31.04 -3.41
N THR A 321 44.54 -31.23 -4.67
CA THR A 321 43.12 -31.33 -4.97
C THR A 321 42.52 -32.57 -4.34
N LEU A 322 41.21 -32.54 -4.13
CA LEU A 322 40.51 -33.65 -3.49
C LEU A 322 40.69 -34.96 -4.23
N HIS A 323 41.05 -34.92 -5.51
CA HIS A 323 41.24 -36.13 -6.30
C HIS A 323 42.66 -36.68 -6.23
N GLY A 324 43.63 -35.88 -5.79
CA GLY A 324 44.99 -36.34 -5.67
C GLY A 324 45.99 -35.45 -6.38
N THR A 325 45.55 -34.78 -7.44
CA THR A 325 46.44 -33.94 -8.22
C THR A 325 46.88 -32.73 -7.42
N VAL A 326 47.96 -32.10 -7.88
CA VAL A 326 48.58 -30.97 -7.19
C VAL A 326 48.65 -29.79 -8.15
N THR A 327 48.22 -28.62 -7.68
CA THR A 327 48.29 -27.39 -8.44
C THR A 327 49.47 -26.55 -7.95
N VAL A 328 50.20 -25.97 -8.90
CA VAL A 328 51.40 -25.19 -8.60
C VAL A 328 51.36 -23.91 -9.43
N GLU A 329 51.63 -22.78 -8.80
CA GLU A 329 51.80 -21.51 -9.48
C GLU A 329 53.27 -21.13 -9.44
N VAL A 330 53.87 -20.91 -10.61
CA VAL A 330 55.27 -20.54 -10.70
C VAL A 330 55.38 -19.19 -11.40
N GLN A 331 56.54 -18.55 -11.23
CA GLN A 331 56.77 -17.21 -11.73
C GLN A 331 58.15 -17.16 -12.37
N TYR A 332 58.17 -16.89 -13.68
CA TYR A 332 59.42 -16.83 -14.44
C TYR A 332 59.89 -15.38 -14.53
N ALA A 333 61.19 -15.17 -14.35
CA ALA A 333 61.80 -13.84 -14.43
C ALA A 333 62.82 -13.86 -15.57
N GLY A 334 62.38 -13.49 -16.77
CA GLY A 334 63.26 -13.48 -17.92
C GLY A 334 62.58 -13.17 -19.23
N THR A 335 63.31 -12.51 -20.13
CA THR A 335 62.80 -12.16 -21.45
C THR A 335 62.91 -13.31 -22.45
N ASP A 336 63.36 -14.48 -22.03
CA ASP A 336 63.50 -15.61 -22.94
C ASP A 336 62.16 -16.16 -23.40
N GLY A 337 61.05 -15.68 -22.85
CA GLY A 337 59.73 -16.11 -23.27
C GLY A 337 59.42 -15.66 -24.68
N PRO A 338 58.53 -16.39 -25.38
CA PRO A 338 57.85 -17.60 -24.91
C PRO A 338 58.77 -18.82 -24.88
N CYS A 339 58.50 -19.76 -23.99
CA CYS A 339 59.30 -20.98 -23.88
C CYS A 339 58.53 -22.01 -23.07
N LYS A 340 58.84 -23.28 -23.30
CA LYS A 340 58.17 -24.38 -22.62
C LYS A 340 58.70 -24.50 -21.19
N VAL A 341 57.77 -24.72 -20.26
CA VAL A 341 58.14 -24.83 -18.84
C VAL A 341 58.75 -26.21 -18.58
N PRO A 342 59.92 -26.28 -17.96
CA PRO A 342 60.54 -27.58 -17.63
C PRO A 342 60.12 -28.09 -16.26
N ALA A 343 58.87 -28.52 -16.17
CA ALA A 343 58.29 -29.05 -14.94
C ALA A 343 58.13 -30.56 -15.06
N GLN A 344 58.52 -31.27 -14.00
CA GLN A 344 58.41 -32.72 -13.97
C GLN A 344 58.39 -33.17 -12.52
N MET A 345 58.16 -34.47 -12.33
CA MET A 345 58.16 -35.08 -11.02
C MET A 345 59.12 -36.27 -11.01
N ALA A 346 59.91 -36.37 -9.95
CA ALA A 346 60.92 -37.43 -9.86
C ALA A 346 61.12 -37.80 -8.39
N VAL A 347 61.52 -39.05 -8.15
CA VAL A 347 61.81 -39.52 -6.81
C VAL A 347 63.30 -39.62 -6.54
N ASP A 348 64.08 -39.99 -7.56
CA ASP A 348 65.52 -40.04 -7.42
C ASP A 348 66.10 -38.64 -7.23
N MET A 349 65.61 -37.69 -8.03
CA MET A 349 65.99 -36.27 -7.96
C MET A 349 67.40 -36.03 -8.46
N GLN A 350 68.15 -37.10 -8.77
CA GLN A 350 69.51 -36.93 -9.27
C GLN A 350 69.98 -38.24 -9.90
N THR A 351 69.92 -38.35 -11.23
CA THR A 351 69.23 -37.45 -12.17
C THR A 351 68.67 -38.34 -13.27
N LEU A 352 67.49 -38.06 -13.82
CA LEU A 352 66.49 -37.13 -13.29
C LEU A 352 65.15 -37.70 -13.76
N THR A 353 65.11 -39.03 -13.88
CA THR A 353 64.04 -39.70 -14.59
C THR A 353 62.67 -39.34 -14.00
N PRO A 354 61.69 -39.05 -14.85
CA PRO A 354 60.36 -38.69 -14.35
C PRO A 354 59.52 -39.92 -14.01
N VAL A 355 58.62 -39.74 -13.04
CA VAL A 355 57.72 -40.79 -12.59
C VAL A 355 56.27 -40.47 -12.95
N GLY A 356 55.74 -39.36 -12.44
CA GLY A 356 54.36 -39.03 -12.69
C GLY A 356 54.15 -38.35 -14.03
N ARG A 357 52.89 -38.31 -14.44
CA ARG A 357 52.49 -37.65 -15.67
C ARG A 357 51.87 -36.29 -15.37
N LEU A 358 52.06 -35.36 -16.30
CA LEU A 358 51.47 -34.04 -16.14
C LEU A 358 49.98 -34.09 -16.51
N ILE A 359 49.25 -33.11 -16.02
CA ILE A 359 47.88 -32.87 -16.46
C ILE A 359 47.82 -31.75 -17.49
N THR A 360 48.44 -30.61 -17.15
CA THR A 360 48.54 -29.49 -18.11
C THR A 360 49.70 -29.82 -19.04
N ALA A 361 49.40 -30.68 -20.03
CA ALA A 361 50.34 -31.25 -21.01
C ALA A 361 51.10 -30.16 -21.76
N ASN A 362 52.43 -30.26 -21.83
CA ASN A 362 53.28 -29.29 -22.57
C ASN A 362 52.91 -27.86 -22.22
N PRO A 363 53.13 -27.32 -20.85
CA PRO A 363 52.96 -26.01 -20.20
C PRO A 363 53.95 -24.99 -20.79
N VAL A 364 53.46 -23.81 -21.17
CA VAL A 364 54.28 -22.78 -21.80
C VAL A 364 54.17 -21.51 -20.96
N ILE A 365 54.83 -20.45 -21.44
CA ILE A 365 54.71 -19.12 -20.85
C ILE A 365 54.26 -18.18 -21.96
N THR A 366 53.07 -17.61 -21.81
CA THR A 366 52.49 -16.77 -22.86
C THR A 366 53.31 -15.50 -23.08
N GLU A 367 53.45 -14.68 -22.03
CA GLU A 367 54.12 -13.40 -22.17
C GLU A 367 55.63 -13.56 -22.21
N SER A 368 56.30 -12.60 -22.85
CA SER A 368 57.75 -12.60 -22.94
C SER A 368 58.40 -11.79 -21.81
N THR A 369 58.10 -10.50 -21.75
CA THR A 369 58.69 -9.60 -20.78
C THR A 369 57.69 -9.28 -19.69
N GLU A 370 58.15 -9.27 -18.44
CA GLU A 370 59.53 -9.60 -18.10
C GLU A 370 59.54 -10.68 -17.03
N ASN A 371 58.54 -10.62 -16.15
CA ASN A 371 58.37 -11.54 -15.04
C ASN A 371 56.93 -12.03 -15.06
N SER A 372 56.69 -13.13 -15.75
CA SER A 372 55.34 -13.66 -15.93
C SER A 372 55.02 -14.71 -14.87
N LYS A 373 53.72 -15.00 -14.74
CA LYS A 373 53.22 -15.98 -13.79
C LYS A 373 52.35 -16.98 -14.53
N MET A 374 52.42 -18.25 -14.13
CA MET A 374 51.66 -19.28 -14.82
C MET A 374 51.27 -20.39 -13.85
N MET A 375 50.29 -21.20 -14.27
CA MET A 375 49.66 -22.22 -13.45
C MET A 375 50.04 -23.61 -13.94
N LEU A 376 49.83 -24.61 -13.09
CA LEU A 376 50.24 -25.97 -13.37
C LEU A 376 49.40 -26.94 -12.56
N GLU A 377 49.18 -28.13 -13.12
CA GLU A 377 48.50 -29.21 -12.42
C GLU A 377 49.15 -30.53 -12.81
N LEU A 378 49.54 -31.32 -11.81
CA LEU A 378 50.22 -32.58 -12.03
C LEU A 378 49.52 -33.69 -11.28
N ASP A 379 49.68 -34.92 -11.77
CA ASP A 379 49.16 -36.12 -11.11
C ASP A 379 50.34 -36.88 -10.52
N PRO A 380 50.69 -36.65 -9.26
CA PRO A 380 51.87 -37.30 -8.70
C PRO A 380 51.63 -38.78 -8.48
N PRO A 381 52.67 -39.60 -8.48
CA PRO A 381 52.50 -41.02 -8.16
C PRO A 381 52.17 -41.22 -6.70
N PHE A 382 51.58 -42.38 -6.41
CA PHE A 382 51.21 -42.69 -5.04
C PHE A 382 52.44 -42.92 -4.19
N GLY A 383 52.44 -42.32 -3.00
CA GLY A 383 53.59 -42.33 -2.12
C GLY A 383 54.37 -41.03 -2.19
N ASP A 384 55.47 -41.00 -1.46
CA ASP A 384 56.31 -39.81 -1.41
C ASP A 384 57.04 -39.61 -2.74
N SER A 385 57.22 -38.35 -3.13
CA SER A 385 57.83 -38.01 -4.39
C SER A 385 58.32 -36.56 -4.34
N TYR A 386 59.13 -36.20 -5.32
CA TYR A 386 59.63 -34.84 -5.47
C TYR A 386 59.04 -34.21 -6.73
N ILE A 387 58.84 -32.90 -6.67
CA ILE A 387 58.42 -32.11 -7.83
C ILE A 387 59.54 -31.13 -8.17
N VAL A 388 59.90 -31.05 -9.45
CA VAL A 388 61.02 -30.25 -9.93
C VAL A 388 60.51 -29.27 -10.97
N ILE A 389 60.75 -27.98 -10.74
CA ILE A 389 60.42 -26.92 -11.69
C ILE A 389 61.72 -26.25 -12.11
N GLY A 390 61.91 -26.07 -13.40
CA GLY A 390 63.11 -25.45 -13.93
C GLY A 390 64.09 -26.47 -14.47
N VAL A 391 65.22 -25.95 -14.95
CA VAL A 391 66.24 -26.78 -15.58
C VAL A 391 67.62 -26.33 -15.09
N GLY A 392 68.49 -27.31 -14.82
CA GLY A 392 69.86 -27.00 -14.46
C GLY A 392 69.96 -26.41 -13.06
N GLU A 393 70.85 -25.43 -12.91
CA GLU A 393 71.03 -24.78 -11.63
C GLU A 393 69.80 -23.90 -11.42
N LYS A 394 69.62 -23.48 -10.17
CA LYS A 394 68.50 -22.61 -9.77
C LYS A 394 67.09 -23.27 -9.85
N LYS A 395 67.08 -24.56 -10.17
CA LYS A 395 65.81 -25.29 -10.14
C LYS A 395 65.22 -25.49 -8.74
N ILE A 396 63.93 -25.73 -8.70
CA ILE A 396 63.19 -25.81 -7.44
C ILE A 396 62.64 -27.21 -7.27
N THR A 397 62.96 -27.82 -6.13
CA THR A 397 62.41 -29.11 -5.73
C THR A 397 61.47 -28.91 -4.56
N HIS A 398 60.53 -29.85 -4.41
CA HIS A 398 59.57 -29.78 -3.31
C HIS A 398 59.09 -31.18 -2.98
N HIS A 399 59.03 -31.50 -1.69
CA HIS A 399 58.53 -32.78 -1.26
C HIS A 399 57.01 -32.84 -1.40
N TRP A 400 56.50 -34.03 -1.70
CA TRP A 400 55.07 -34.20 -1.92
C TRP A 400 54.65 -35.61 -1.55
N HIS A 401 53.43 -35.74 -1.04
CA HIS A 401 52.87 -37.03 -0.67
C HIS A 401 51.41 -37.02 -1.12
N ARG A 402 50.94 -38.16 -1.60
CA ARG A 402 49.58 -38.31 -2.11
C ARG A 402 48.90 -39.41 -1.30
N SER A 403 47.76 -39.07 -0.70
CA SER A 403 46.96 -40.01 0.07
C SER A 403 47.74 -40.69 1.21
N GLU B 1 -3.36 0.79 12.38
CA GLU B 1 -2.43 0.61 11.29
C GLU B 1 -3.01 1.16 9.99
N VAL B 2 -4.33 1.05 9.83
CA VAL B 2 -5.00 1.56 8.64
C VAL B 2 -5.01 3.08 8.67
N GLN B 3 -4.68 3.70 7.54
CA GLN B 3 -4.60 5.15 7.43
C GLN B 3 -5.23 5.59 6.13
N LEU B 4 -6.28 6.39 6.21
CA LEU B 4 -6.97 6.96 5.06
C LEU B 4 -6.79 8.47 5.10
N VAL B 5 -5.68 8.94 4.55
CA VAL B 5 -5.37 10.37 4.52
C VAL B 5 -6.11 11.01 3.35
N GLN B 6 -7.05 11.91 3.65
CA GLN B 6 -7.82 12.58 2.63
C GLN B 6 -7.06 13.80 2.11
N SER B 7 -7.66 14.47 1.13
CA SER B 7 -7.07 15.68 0.57
C SER B 7 -7.17 16.83 1.57
N GLY B 8 -6.58 17.98 1.19
CA GLY B 8 -6.67 19.17 2.00
C GLY B 8 -7.90 19.99 1.67
N ALA B 9 -8.16 20.99 2.51
CA ALA B 9 -9.31 21.86 2.32
C ALA B 9 -9.24 22.55 0.96
N GLU B 10 -10.39 22.63 0.29
CA GLU B 10 -10.48 23.17 -1.05
C GLU B 10 -11.53 24.26 -1.11
N VAL B 11 -11.16 25.40 -1.69
CA VAL B 11 -12.08 26.51 -1.94
C VAL B 11 -12.14 26.71 -3.44
N LYS B 12 -13.33 26.56 -4.02
CA LYS B 12 -13.54 26.74 -5.45
C LYS B 12 -14.69 27.71 -5.66
N ARG B 13 -14.93 28.03 -6.93
CA ARG B 13 -16.01 28.92 -7.35
C ARG B 13 -17.03 28.12 -8.16
N PRO B 14 -18.27 28.61 -8.27
CA PRO B 14 -19.29 27.87 -9.02
C PRO B 14 -18.90 27.72 -10.48
N GLY B 15 -18.79 26.46 -10.92
CA GLY B 15 -18.45 26.11 -12.29
C GLY B 15 -17.11 25.41 -12.43
N GLU B 16 -16.18 25.68 -11.52
CA GLU B 16 -14.84 25.10 -11.63
C GLU B 16 -14.87 23.59 -11.39
N SER B 17 -13.95 22.90 -12.05
CA SER B 17 -13.76 21.47 -11.83
C SER B 17 -12.99 21.24 -10.53
N LEU B 18 -13.22 20.09 -9.92
CA LEU B 18 -12.52 19.74 -8.70
C LEU B 18 -12.44 18.23 -8.59
N LYS B 19 -11.36 17.76 -7.94
CA LYS B 19 -11.14 16.33 -7.72
C LYS B 19 -10.51 16.16 -6.34
N ILE B 20 -11.24 15.57 -5.41
CA ILE B 20 -10.72 15.27 -4.09
C ILE B 20 -10.21 13.84 -4.09
N SER B 21 -9.22 13.56 -3.24
CA SER B 21 -8.53 12.28 -3.24
C SER B 21 -8.48 11.73 -1.82
N CYS B 22 -8.38 10.39 -1.73
CA CYS B 22 -8.30 9.67 -0.47
C CYS B 22 -7.16 8.66 -0.57
N LYS B 23 -5.98 9.03 -0.10
CA LYS B 23 -4.82 8.17 -0.16
C LYS B 23 -4.81 7.20 1.02
N THR B 24 -4.65 5.91 0.73
CA THR B 24 -4.71 4.86 1.73
C THR B 24 -3.34 4.22 1.91
N SER B 25 -3.10 3.71 3.11
CA SER B 25 -1.84 3.03 3.43
C SER B 25 -2.04 2.21 4.70
N GLY B 26 -1.91 0.89 4.59
CA GLY B 26 -1.97 0.04 5.77
C GLY B 26 -2.79 -1.22 5.62
N TYR B 27 -3.36 -1.45 4.44
CA TYR B 27 -4.18 -2.63 4.20
C TYR B 27 -4.17 -2.95 2.71
N SER B 28 -4.81 -4.06 2.36
CA SER B 28 -4.92 -4.49 0.97
C SER B 28 -5.95 -3.61 0.27
N PHE B 29 -5.46 -2.66 -0.53
CA PHE B 29 -6.35 -1.69 -1.16
C PHE B 29 -7.26 -2.34 -2.21
N THR B 30 -6.78 -3.37 -2.90
CA THR B 30 -7.54 -4.01 -3.96
C THR B 30 -8.45 -5.12 -3.46
N SER B 31 -8.76 -5.13 -2.16
CA SER B 31 -9.64 -6.14 -1.57
C SER B 31 -10.95 -5.58 -1.05
N TYR B 32 -10.91 -4.45 -0.37
CA TYR B 32 -12.11 -3.87 0.25
C TYR B 32 -12.65 -2.72 -0.58
N TRP B 33 -13.96 -2.55 -0.53
CA TRP B 33 -14.62 -1.47 -1.26
C TRP B 33 -14.36 -0.13 -0.59
N ILE B 34 -14.55 0.93 -1.37
CA ILE B 34 -14.32 2.31 -0.92
C ILE B 34 -15.60 3.10 -1.13
N SER B 35 -16.14 3.65 -0.05
CA SER B 35 -17.39 4.40 -0.12
C SER B 35 -17.15 5.86 0.24
N TRP B 36 -17.98 6.74 -0.33
CA TRP B 36 -17.91 8.18 -0.09
C TRP B 36 -19.19 8.65 0.59
N VAL B 37 -19.03 9.58 1.54
CA VAL B 37 -20.14 10.11 2.32
C VAL B 37 -20.04 11.63 2.32
N ARG B 38 -21.15 12.30 2.03
CA ARG B 38 -21.23 13.75 2.02
C ARG B 38 -22.03 14.23 3.22
N GLN B 39 -21.56 15.30 3.85
CA GLN B 39 -22.23 15.89 5.00
C GLN B 39 -22.22 17.40 4.84
N MET B 40 -23.36 17.99 4.52
CA MET B 40 -23.46 19.42 4.38
C MET B 40 -23.40 20.10 5.75
N PRO B 41 -23.02 21.37 5.80
CA PRO B 41 -22.96 22.08 7.08
C PRO B 41 -24.32 22.11 7.76
N GLY B 42 -24.37 21.64 9.00
CA GLY B 42 -25.61 21.57 9.73
C GLY B 42 -26.58 20.50 9.29
N LYS B 43 -26.16 19.61 8.39
CA LYS B 43 -26.99 18.54 7.88
C LYS B 43 -26.39 17.19 8.26
N GLY B 44 -27.06 16.11 7.87
CA GLY B 44 -26.66 14.77 8.22
C GLY B 44 -25.80 14.10 7.17
N LEU B 45 -25.50 12.82 7.42
CA LEU B 45 -24.66 12.05 6.53
C LEU B 45 -25.46 11.57 5.32
N GLU B 46 -24.81 11.58 4.16
CA GLU B 46 -25.41 11.11 2.91
C GLU B 46 -24.39 10.23 2.20
N TRP B 47 -24.77 8.98 1.94
CA TRP B 47 -23.91 8.06 1.19
C TRP B 47 -24.04 8.35 -0.30
N MET B 48 -22.91 8.63 -0.95
CA MET B 48 -22.90 8.99 -2.36
C MET B 48 -22.73 7.76 -3.25
N GLY B 49 -21.65 7.01 -3.03
CA GLY B 49 -21.37 5.87 -3.87
C GLY B 49 -20.24 5.04 -3.31
N ALA B 50 -19.99 3.92 -3.99
CA ALA B 50 -18.94 2.99 -3.59
C ALA B 50 -18.21 2.49 -4.83
N ILE B 51 -17.02 1.93 -4.62
CA ILE B 51 -16.18 1.49 -5.72
C ILE B 51 -15.26 0.35 -5.29
N ASP B 52 -15.16 -0.70 -6.11
CA ASP B 52 -14.22 -1.77 -5.89
C ASP B 52 -13.00 -1.55 -6.78
N PRO B 53 -11.80 -1.36 -6.23
CA PRO B 53 -10.63 -1.09 -7.08
C PRO B 53 -10.12 -2.29 -7.85
N SER B 54 -10.61 -3.51 -7.55
CA SER B 54 -10.17 -4.69 -8.30
C SER B 54 -10.53 -4.56 -9.78
N ASP B 55 -11.70 -3.98 -10.07
CA ASP B 55 -12.06 -3.66 -11.44
C ASP B 55 -12.78 -2.32 -11.57
N SER B 56 -12.69 -1.47 -10.54
CA SER B 56 -13.32 -0.15 -10.53
C SER B 56 -14.84 -0.26 -10.69
N ASP B 57 -15.44 -1.21 -9.97
CA ASP B 57 -16.89 -1.40 -10.02
C ASP B 57 -17.56 -0.35 -9.15
N THR B 58 -18.47 0.42 -9.74
CA THR B 58 -19.03 1.60 -9.10
C THR B 58 -20.53 1.41 -8.86
N ARG B 59 -20.97 1.82 -7.66
CA ARG B 59 -22.40 1.82 -7.27
C ARG B 59 -22.71 3.25 -6.83
N TYR B 60 -23.67 3.90 -7.50
CA TYR B 60 -24.02 5.28 -7.22
C TYR B 60 -25.43 5.37 -6.65
N SER B 61 -25.59 6.22 -5.65
CA SER B 61 -26.92 6.50 -5.13
C SER B 61 -27.74 7.24 -6.19
N PRO B 62 -29.04 6.95 -6.31
CA PRO B 62 -29.85 7.63 -7.33
C PRO B 62 -29.89 9.14 -7.19
N SER B 63 -29.66 9.67 -5.98
CA SER B 63 -29.61 11.11 -5.78
C SER B 63 -28.31 11.72 -6.26
N PHE B 64 -27.29 10.91 -6.54
CA PHE B 64 -26.00 11.40 -6.99
C PHE B 64 -25.53 10.80 -8.31
N GLN B 65 -26.11 9.69 -8.76
CA GLN B 65 -25.70 9.06 -10.01
C GLN B 65 -25.98 9.98 -11.18
N GLY B 66 -24.94 10.41 -11.88
CA GLY B 66 -25.07 11.34 -12.98
C GLY B 66 -24.61 12.75 -12.65
N GLN B 67 -24.17 12.99 -11.41
CA GLN B 67 -23.63 14.29 -11.02
C GLN B 67 -22.22 14.23 -10.45
N VAL B 68 -21.73 13.05 -10.09
CA VAL B 68 -20.37 12.86 -9.60
C VAL B 68 -19.70 11.78 -10.44
N THR B 69 -18.38 11.71 -10.32
CA THR B 69 -17.59 10.69 -11.01
C THR B 69 -16.58 10.13 -10.01
N ILE B 70 -16.70 8.84 -9.73
CA ILE B 70 -15.81 8.16 -8.79
C ILE B 70 -14.82 7.32 -9.58
N SER B 71 -13.53 7.58 -9.38
CA SER B 71 -12.46 6.81 -9.98
C SER B 71 -11.49 6.39 -8.89
N ALA B 72 -10.52 5.55 -9.26
CA ALA B 72 -9.52 5.08 -8.32
C ALA B 72 -8.32 4.54 -9.07
N ASP B 73 -7.13 4.96 -8.67
CA ASP B 73 -5.88 4.44 -9.23
C ASP B 73 -5.35 3.42 -8.22
N LYS B 74 -5.65 2.15 -8.47
CA LYS B 74 -5.23 1.08 -7.57
C LYS B 74 -3.71 0.92 -7.55
N SER B 75 -3.00 1.53 -8.51
CA SER B 75 -1.56 1.39 -8.55
C SER B 75 -0.95 2.13 -7.37
N ILE B 76 -1.52 3.27 -6.99
CA ILE B 76 -1.02 4.07 -5.87
C ILE B 76 -1.90 3.96 -4.64
N SER B 77 -2.97 3.15 -4.68
CA SER B 77 -3.87 2.94 -3.54
C SER B 77 -4.49 4.26 -3.09
N THR B 78 -5.24 4.88 -4.00
CA THR B 78 -5.88 6.15 -3.73
C THR B 78 -7.22 6.20 -4.45
N ALA B 79 -8.27 6.58 -3.73
CA ALA B 79 -9.58 6.79 -4.32
C ALA B 79 -9.77 8.25 -4.70
N TYR B 80 -10.80 8.50 -5.51
CA TYR B 80 -11.06 9.84 -6.01
C TYR B 80 -12.55 10.13 -5.98
N LEU B 81 -12.87 11.43 -6.03
CA LEU B 81 -14.26 11.88 -6.11
C LEU B 81 -14.22 13.27 -6.75
N GLN B 82 -14.71 13.38 -7.98
CA GLN B 82 -14.52 14.58 -8.78
C GLN B 82 -15.85 15.11 -9.29
N TRP B 83 -15.89 16.42 -9.49
CA TRP B 83 -17.04 17.11 -10.08
C TRP B 83 -16.57 17.94 -11.26
N SER B 84 -17.32 17.88 -12.36
CA SER B 84 -16.99 18.69 -13.53
C SER B 84 -17.51 20.11 -13.38
N SER B 85 -18.79 20.26 -13.06
CA SER B 85 -19.41 21.56 -12.82
C SER B 85 -19.81 21.62 -11.35
N LEU B 86 -19.04 22.36 -10.56
CA LEU B 86 -19.31 22.49 -9.13
C LEU B 86 -20.44 23.49 -8.88
N LYS B 87 -21.48 23.03 -8.21
CA LYS B 87 -22.58 23.91 -7.80
C LYS B 87 -22.27 24.58 -6.46
N ALA B 88 -23.01 25.65 -6.18
CA ALA B 88 -22.83 26.36 -4.91
C ALA B 88 -23.35 25.52 -3.75
N SER B 89 -24.30 24.62 -4.01
CA SER B 89 -24.85 23.75 -2.97
C SER B 89 -24.00 22.53 -2.68
N ASP B 90 -22.79 22.45 -3.25
CA ASP B 90 -21.90 21.33 -3.01
C ASP B 90 -20.94 21.56 -1.86
N SER B 91 -20.98 22.74 -1.24
CA SER B 91 -20.09 23.05 -0.13
C SER B 91 -20.43 22.16 1.06
N ALA B 92 -19.51 21.29 1.45
CA ALA B 92 -19.78 20.31 2.50
C ALA B 92 -18.47 19.68 2.95
N THR B 93 -18.57 18.79 3.93
CA THR B 93 -17.46 17.97 4.40
C THR B 93 -17.64 16.57 3.82
N TYR B 94 -16.59 16.06 3.17
CA TYR B 94 -16.64 14.78 2.47
C TYR B 94 -15.74 13.77 3.15
N TYR B 95 -16.28 12.58 3.41
CA TYR B 95 -15.57 11.50 4.09
C TYR B 95 -15.37 10.34 3.12
N CYS B 96 -14.15 9.80 3.10
CA CYS B 96 -13.88 8.53 2.44
C CYS B 96 -13.80 7.44 3.50
N ALA B 97 -14.43 6.30 3.22
CA ALA B 97 -14.54 5.23 4.19
C ALA B 97 -14.21 3.90 3.55
N LYS B 98 -13.22 3.20 4.10
CA LYS B 98 -12.97 1.82 3.71
C LYS B 98 -14.11 0.94 4.20
N GLU B 99 -14.74 0.21 3.28
CA GLU B 99 -15.84 -0.67 3.65
C GLU B 99 -15.30 -1.93 4.34
N GLY B 100 -16.24 -2.74 4.82
CA GLY B 100 -15.94 -4.01 5.46
C GLY B 100 -16.15 -5.18 4.52
N ILE B 101 -16.44 -6.34 5.11
CA ILE B 101 -16.66 -7.54 4.31
C ILE B 101 -18.06 -7.55 3.71
N ALA B 102 -19.06 -7.18 4.51
CA ALA B 102 -20.43 -7.13 4.00
C ALA B 102 -20.60 -5.96 3.03
N ALA B 103 -21.72 -5.98 2.30
CA ALA B 103 -22.00 -4.93 1.35
C ALA B 103 -22.29 -3.62 2.07
N ARG B 104 -21.57 -2.58 1.68
CA ARG B 104 -21.76 -1.22 2.20
C ARG B 104 -21.54 -1.11 3.70
N SER B 105 -20.81 -2.07 4.29
CA SER B 105 -20.51 -2.04 5.71
C SER B 105 -19.33 -1.11 5.95
N LEU B 106 -19.59 0.06 6.53
CA LEU B 106 -18.56 1.07 6.75
C LEU B 106 -17.66 0.65 7.90
N ASP B 107 -16.37 0.55 7.64
CA ASP B 107 -15.39 0.09 8.62
C ASP B 107 -14.46 1.19 9.11
N VAL B 108 -13.77 1.88 8.22
CA VAL B 108 -12.79 2.90 8.58
C VAL B 108 -13.19 4.21 7.95
N TRP B 109 -13.13 5.29 8.73
CA TRP B 109 -13.51 6.62 8.26
C TRP B 109 -12.28 7.52 8.19
N GLY B 110 -12.30 8.45 7.24
CA GLY B 110 -11.28 9.47 7.14
C GLY B 110 -11.54 10.61 8.10
N ARG B 111 -10.83 11.71 7.88
CA ARG B 111 -11.02 12.92 8.67
C ARG B 111 -11.90 13.95 8.01
N GLY B 112 -12.27 13.75 6.74
CA GLY B 112 -13.16 14.68 6.07
C GLY B 112 -12.44 15.86 5.44
N VAL B 113 -12.82 16.20 4.22
CA VAL B 113 -12.26 17.33 3.49
C VAL B 113 -13.31 18.42 3.40
N LEU B 114 -12.90 19.67 3.64
CA LEU B 114 -13.80 20.81 3.60
C LEU B 114 -13.83 21.40 2.20
N VAL B 115 -15.01 21.41 1.59
CA VAL B 115 -15.20 21.94 0.24
C VAL B 115 -16.07 23.19 0.37
N THR B 116 -15.50 24.35 0.06
CA THR B 116 -16.23 25.61 0.09
C THR B 116 -16.37 26.13 -1.32
N VAL B 117 -17.61 26.44 -1.72
CA VAL B 117 -17.90 26.94 -3.06
C VAL B 117 -18.79 28.18 -2.91
N SER B 118 -18.25 29.33 -3.30
CA SER B 118 -19.02 30.57 -3.34
C SER B 118 -18.50 31.42 -4.48
N SER B 119 -19.34 32.33 -4.95
CA SER B 119 -19.00 33.22 -6.05
C SER B 119 -18.24 34.46 -5.58
N ALA B 120 -17.62 34.41 -4.42
CA ALA B 120 -16.87 35.54 -3.88
C ALA B 120 -15.44 35.51 -4.44
N SER B 121 -14.60 36.41 -3.94
CA SER B 121 -13.22 36.52 -4.37
C SER B 121 -12.33 36.67 -3.16
N THR B 122 -11.09 36.18 -3.27
CA THR B 122 -10.12 36.29 -2.19
C THR B 122 -9.83 37.75 -1.91
N LYS B 123 -10.03 38.16 -0.66
CA LYS B 123 -9.83 39.55 -0.26
C LYS B 123 -9.31 39.60 1.16
N GLY B 124 -8.35 40.49 1.41
CA GLY B 124 -7.78 40.67 2.71
C GLY B 124 -8.73 41.36 3.66
N PRO B 125 -8.53 41.17 4.97
CA PRO B 125 -9.43 41.75 5.96
C PRO B 125 -9.11 43.20 6.25
N SER B 126 -9.90 43.79 7.15
CA SER B 126 -9.66 45.13 7.67
C SER B 126 -9.70 45.04 9.20
N VAL B 127 -8.57 45.38 9.84
CA VAL B 127 -8.41 45.21 11.27
C VAL B 127 -8.71 46.54 11.96
N PHE B 128 -9.48 46.47 13.05
CA PHE B 128 -9.87 47.66 13.80
C PHE B 128 -9.82 47.34 15.29
N PRO B 129 -9.26 48.24 16.10
CA PRO B 129 -9.16 47.97 17.55
C PRO B 129 -10.50 48.14 18.23
N LEU B 130 -10.59 47.57 19.43
CA LEU B 130 -11.82 47.63 20.24
C LEU B 130 -11.44 47.83 21.69
N ALA B 131 -11.76 49.00 22.24
CA ALA B 131 -11.49 49.32 23.63
C ALA B 131 -12.77 49.79 24.31
N PRO B 132 -12.98 49.40 25.58
CA PRO B 132 -14.18 49.86 26.29
C PRO B 132 -14.05 51.30 26.78
N SER B 133 -15.02 51.74 27.57
CA SER B 133 -15.03 53.10 28.08
C SER B 133 -13.94 53.28 29.14
N SER B 134 -13.91 54.48 29.72
CA SER B 134 -12.98 54.82 30.79
C SER B 134 -11.52 54.59 30.38
N SER B 138 -17.25 50.06 37.56
CA SER B 138 -16.26 49.07 37.15
C SER B 138 -14.86 49.51 37.56
N GLU B 139 -14.08 49.96 36.58
CA GLU B 139 -12.73 50.48 36.76
C GLU B 139 -11.76 49.45 37.35
N SER B 140 -12.15 48.17 37.38
CA SER B 140 -11.32 47.12 37.95
C SER B 140 -10.77 46.18 36.89
N THR B 141 -11.64 45.58 36.08
CA THR B 141 -11.23 44.77 34.95
C THR B 141 -11.83 45.34 33.67
N ALA B 142 -11.35 44.83 32.53
CA ALA B 142 -11.83 45.30 31.24
C ALA B 142 -11.62 44.19 30.22
N ALA B 143 -12.17 44.42 29.02
CA ALA B 143 -12.05 43.48 27.92
C ALA B 143 -11.60 44.25 26.68
N LEU B 144 -10.44 43.88 26.15
CA LEU B 144 -9.88 44.50 24.96
C LEU B 144 -10.03 43.54 23.78
N GLY B 145 -10.58 44.04 22.67
CA GLY B 145 -10.90 43.22 21.53
C GLY B 145 -10.28 43.74 20.25
N CYS B 146 -10.32 42.88 19.23
CA CYS B 146 -9.88 43.23 17.88
C CYS B 146 -10.93 42.77 16.89
N LEU B 147 -11.08 43.54 15.82
CA LEU B 147 -12.16 43.36 14.85
C LEU B 147 -11.57 43.05 13.49
N VAL B 148 -11.92 41.90 12.92
CA VAL B 148 -11.44 41.45 11.62
C VAL B 148 -12.62 41.50 10.67
N LYS B 149 -12.60 42.45 9.74
CA LYS B 149 -13.79 42.84 8.98
C LYS B 149 -13.65 42.49 7.51
N ASP B 150 -14.68 41.83 6.97
CA ASP B 150 -14.88 41.63 5.54
C ASP B 150 -13.68 40.96 4.88
N TYR B 151 -13.45 39.70 5.27
CA TYR B 151 -12.41 38.88 4.69
C TYR B 151 -13.02 37.62 4.09
N PHE B 152 -12.24 36.96 3.24
CA PHE B 152 -12.64 35.72 2.57
C PHE B 152 -11.41 35.09 1.91
N PRO B 153 -11.22 33.77 2.02
CA PRO B 153 -12.05 32.85 2.80
C PRO B 153 -11.42 32.49 4.14
N GLU B 154 -12.02 31.53 4.84
CA GLU B 154 -11.47 31.04 6.09
C GLU B 154 -10.15 30.32 5.84
N PRO B 155 -9.28 30.20 6.87
CA PRO B 155 -9.42 30.75 8.22
C PRO B 155 -8.57 32.00 8.46
N VAL B 156 -8.71 32.58 9.65
CA VAL B 156 -7.88 33.71 10.07
C VAL B 156 -7.45 33.45 11.52
N THR B 157 -6.15 33.48 11.77
CA THR B 157 -5.59 33.21 13.08
C THR B 157 -5.18 34.52 13.75
N VAL B 158 -5.74 34.80 14.92
CA VAL B 158 -5.47 36.03 15.66
C VAL B 158 -4.94 35.65 17.03
N SER B 159 -3.74 36.12 17.36
CA SER B 159 -3.12 35.90 18.65
C SER B 159 -2.96 37.24 19.38
N TRP B 160 -2.38 37.17 20.58
CA TRP B 160 -2.22 38.35 21.44
C TRP B 160 -0.78 38.43 21.91
N ASN B 161 -0.05 39.44 21.44
CA ASN B 161 1.33 39.71 21.84
C ASN B 161 2.22 38.49 21.58
N SER B 162 2.09 37.92 20.38
CA SER B 162 2.87 36.77 19.94
C SER B 162 2.65 35.57 20.86
N GLY B 163 1.39 35.20 21.02
CA GLY B 163 1.03 33.99 21.73
C GLY B 163 1.35 33.97 23.21
N SER B 164 1.64 35.12 23.81
CA SER B 164 2.01 35.17 25.22
C SER B 164 0.80 35.02 26.13
N LEU B 165 -0.18 35.91 25.99
CA LEU B 165 -1.35 35.90 26.85
C LEU B 165 -2.18 34.64 26.57
N THR B 166 -2.34 33.80 27.59
CA THR B 166 -3.08 32.55 27.46
C THR B 166 -4.40 32.54 28.20
N SER B 167 -4.57 33.40 29.20
CA SER B 167 -5.81 33.47 29.97
C SER B 167 -6.76 34.45 29.31
N GLY B 168 -8.03 34.05 29.17
CA GLY B 168 -9.06 34.93 28.65
C GLY B 168 -9.04 35.14 27.16
N VAL B 169 -8.20 34.43 26.41
CA VAL B 169 -8.16 34.58 24.97
C VAL B 169 -9.43 33.96 24.37
N HIS B 170 -10.23 34.80 23.71
CA HIS B 170 -11.51 34.37 23.16
C HIS B 170 -11.55 34.72 21.68
N THR B 171 -11.73 33.71 20.84
CA THR B 171 -11.83 33.89 19.38
C THR B 171 -13.14 33.27 18.91
N PHE B 172 -14.15 34.12 18.69
CA PHE B 172 -15.45 33.63 18.27
C PHE B 172 -15.40 33.18 16.81
N PRO B 173 -16.24 32.22 16.43
CA PRO B 173 -16.29 31.79 15.04
C PRO B 173 -16.74 32.92 14.11
N ALA B 174 -16.48 32.74 12.83
CA ALA B 174 -16.81 33.76 11.85
C ALA B 174 -18.28 33.71 11.45
N VAL B 175 -18.78 34.83 10.94
CA VAL B 175 -20.15 34.94 10.44
C VAL B 175 -20.09 35.15 8.94
N LEU B 176 -20.81 34.31 8.20
CA LEU B 176 -20.85 34.40 6.73
C LEU B 176 -21.96 35.38 6.37
N GLN B 177 -21.58 36.63 6.12
CA GLN B 177 -22.55 37.66 5.79
C GLN B 177 -23.10 37.44 4.37
N SER B 178 -24.17 38.18 4.06
CA SER B 178 -24.81 38.04 2.75
C SER B 178 -23.87 38.43 1.61
N SER B 179 -22.85 39.23 1.89
CA SER B 179 -21.89 39.63 0.86
C SER B 179 -20.95 38.50 0.47
N GLY B 180 -21.02 37.35 1.15
CA GLY B 180 -20.14 36.24 0.86
C GLY B 180 -18.84 36.24 1.63
N LEU B 181 -18.56 37.29 2.40
CA LEU B 181 -17.31 37.44 3.12
C LEU B 181 -17.50 37.09 4.59
N TYR B 182 -16.43 36.62 5.23
CA TYR B 182 -16.43 36.35 6.65
C TYR B 182 -16.05 37.58 7.44
N SER B 183 -16.27 37.51 8.75
CA SER B 183 -15.93 38.58 9.69
C SER B 183 -15.95 38.00 11.09
N LEU B 184 -14.95 38.35 11.90
CA LEU B 184 -14.85 37.83 13.26
C LEU B 184 -14.30 38.92 14.18
N SER B 185 -14.25 38.60 15.47
CA SER B 185 -13.66 39.45 16.48
C SER B 185 -13.07 38.57 17.57
N SER B 186 -11.97 39.04 18.16
CA SER B 186 -11.26 38.28 19.18
C SER B 186 -11.00 39.18 20.38
N VAL B 187 -11.54 38.80 21.53
CA VAL B 187 -11.47 39.60 22.74
C VAL B 187 -10.60 38.90 23.77
N VAL B 188 -10.14 39.67 24.76
CA VAL B 188 -9.31 39.14 25.83
C VAL B 188 -9.63 39.92 27.10
N THR B 189 -9.61 39.22 28.24
CA THR B 189 -9.89 39.83 29.54
C THR B 189 -8.59 40.33 30.16
N VAL B 190 -8.52 41.62 30.43
CA VAL B 190 -7.32 42.22 31.02
C VAL B 190 -7.73 43.14 32.17
N PRO B 191 -7.05 43.08 33.31
CA PRO B 191 -7.39 43.98 34.42
C PRO B 191 -7.10 45.42 34.08
N SER B 192 -7.89 46.32 34.66
CA SER B 192 -7.72 47.75 34.40
C SER B 192 -6.40 48.26 34.96
N SER B 193 -5.89 47.63 36.04
CA SER B 193 -4.63 48.07 36.62
C SER B 193 -3.44 47.72 35.74
N SER B 194 -3.60 46.80 34.78
CA SER B 194 -2.50 46.44 33.90
C SER B 194 -2.30 47.43 32.77
N LEU B 195 -3.29 48.29 32.50
CA LEU B 195 -3.15 49.29 31.45
C LEU B 195 -2.14 50.36 31.88
N GLY B 196 -1.15 50.60 31.03
CA GLY B 196 -0.07 51.52 31.32
C GLY B 196 1.26 50.83 31.57
N THR B 197 1.23 49.60 32.09
CA THR B 197 2.42 48.81 32.31
C THR B 197 2.50 47.60 31.39
N GLN B 198 1.64 47.54 30.37
CA GLN B 198 1.61 46.41 29.45
C GLN B 198 1.00 46.87 28.14
N THR B 199 1.66 46.55 27.02
CA THR B 199 1.18 46.93 25.69
C THR B 199 0.50 45.73 25.05
N TYR B 200 -0.74 45.92 24.62
CA TYR B 200 -1.53 44.86 24.01
C TYR B 200 -1.67 45.13 22.51
N VAL B 201 -1.29 44.14 21.71
CA VAL B 201 -1.39 44.20 20.25
C VAL B 201 -1.87 42.83 19.78
N CYS B 202 -2.90 42.81 18.94
CA CYS B 202 -3.38 41.56 18.37
C CYS B 202 -2.70 41.30 17.04
N ASN B 203 -2.37 40.04 16.79
CA ASN B 203 -1.69 39.62 15.57
C ASN B 203 -2.70 38.88 14.70
N VAL B 204 -3.22 39.55 13.69
CA VAL B 204 -4.16 38.95 12.75
C VAL B 204 -3.37 38.41 11.57
N ASN B 205 -3.70 37.19 11.15
CA ASN B 205 -2.95 36.51 10.09
C ASN B 205 -3.90 35.75 9.19
N HIS B 206 -3.82 36.02 7.89
CA HIS B 206 -4.68 35.41 6.89
C HIS B 206 -3.80 34.88 5.77
N LYS B 207 -3.81 33.56 5.57
CA LYS B 207 -2.89 32.91 4.63
C LYS B 207 -3.33 33.03 3.17
N PRO B 208 -4.59 32.76 2.81
CA PRO B 208 -4.99 32.89 1.40
C PRO B 208 -4.76 34.28 0.83
N SER B 209 -4.74 35.32 1.66
CA SER B 209 -4.39 36.66 1.22
C SER B 209 -2.93 37.01 1.48
N ASN B 210 -2.20 36.14 2.19
CA ASN B 210 -0.80 36.40 2.56
C ASN B 210 -0.65 37.71 3.33
N THR B 211 -1.65 38.06 4.13
CA THR B 211 -1.72 39.34 4.82
C THR B 211 -1.67 39.10 6.33
N LYS B 212 -0.70 39.71 6.99
CA LYS B 212 -0.56 39.65 8.45
C LYS B 212 -0.54 41.08 8.97
N VAL B 213 -1.58 41.46 9.70
CA VAL B 213 -1.72 42.81 10.23
C VAL B 213 -1.87 42.72 11.75
N ASP B 214 -0.96 43.36 12.47
CA ASP B 214 -1.01 43.44 13.92
C ASP B 214 -1.45 44.84 14.32
N LYS B 215 -2.49 44.92 15.14
CA LYS B 215 -3.10 46.20 15.51
C LYS B 215 -2.92 46.47 16.99
N ARG B 216 -2.72 47.75 17.33
CA ARG B 216 -2.63 48.20 18.71
C ARG B 216 -4.01 48.45 19.28
N VAL B 217 -4.17 48.16 20.56
CA VAL B 217 -5.43 48.33 21.27
C VAL B 217 -5.21 49.24 22.47
N GLU B 218 -6.08 50.22 22.64
CA GLU B 218 -6.04 51.10 23.81
C GLU B 218 -6.21 50.30 25.08
N SER C 1 -38.86 8.04 -3.23
CA SER C 1 -37.56 8.06 -2.57
C SER C 1 -37.59 7.19 -1.31
N TYR C 2 -36.42 7.02 -0.69
CA TYR C 2 -36.28 6.19 0.50
C TYR C 2 -35.38 6.90 1.50
N GLU C 3 -35.91 7.17 2.68
CA GLU C 3 -35.14 7.73 3.78
C GLU C 3 -35.43 6.95 5.05
N LEU C 4 -34.47 6.96 5.96
CA LEU C 4 -34.67 6.42 7.30
C LEU C 4 -35.13 7.53 8.22
N THR C 5 -36.15 7.25 9.03
CA THR C 5 -36.77 8.23 9.90
C THR C 5 -36.20 8.10 11.31
N GLN C 6 -35.61 9.19 11.81
CA GLN C 6 -35.08 9.28 13.16
C GLN C 6 -35.76 10.41 13.92
N PRO C 7 -35.96 10.28 15.22
CA PRO C 7 -36.46 11.40 16.01
C PRO C 7 -35.41 12.50 16.09
N PRO C 8 -35.81 13.76 15.87
CA PRO C 8 -34.80 14.82 15.81
C PRO C 8 -34.02 15.01 17.09
N SER C 9 -34.70 15.12 18.23
CA SER C 9 -34.05 15.32 19.51
C SER C 9 -34.53 14.27 20.51
N VAL C 10 -33.63 13.84 21.38
CA VAL C 10 -33.93 12.91 22.46
C VAL C 10 -33.20 13.38 23.71
N SER C 11 -33.91 13.43 24.83
CA SER C 11 -33.36 13.89 26.10
C SER C 11 -33.25 12.72 27.07
N VAL C 12 -32.32 12.83 28.01
CA VAL C 12 -32.11 11.79 29.00
C VAL C 12 -31.40 12.40 30.20
N SER C 13 -31.83 12.01 31.40
CA SER C 13 -31.18 12.42 32.63
C SER C 13 -29.95 11.54 32.89
N PRO C 14 -28.94 12.07 33.58
CA PRO C 14 -27.73 11.29 33.84
C PRO C 14 -28.03 10.04 34.67
N GLY C 15 -27.38 8.94 34.31
CA GLY C 15 -27.54 7.69 35.01
C GLY C 15 -28.75 6.87 34.62
N GLN C 16 -29.53 7.33 33.64
CA GLN C 16 -30.72 6.61 33.18
C GLN C 16 -30.45 5.99 31.81
N THR C 17 -31.49 5.36 31.26
CA THR C 17 -31.39 4.62 30.01
C THR C 17 -31.98 5.47 28.88
N ALA C 18 -31.10 5.93 27.98
CA ALA C 18 -31.54 6.66 26.80
C ALA C 18 -31.78 5.68 25.66
N ARG C 19 -32.94 5.79 25.02
CA ARG C 19 -33.33 4.92 23.92
C ARG C 19 -33.50 5.75 22.65
N ILE C 20 -32.93 5.25 21.55
CA ILE C 20 -32.99 5.90 20.25
C ILE C 20 -33.55 4.91 19.25
N THR C 21 -34.53 5.35 18.46
CA THR C 21 -35.22 4.48 17.51
C THR C 21 -34.91 4.91 16.09
N CYS C 22 -34.66 3.92 15.22
CA CYS C 22 -34.43 4.14 13.80
C CYS C 22 -35.46 3.34 13.03
N SER C 23 -36.31 4.03 12.28
CA SER C 23 -37.43 3.41 11.58
C SER C 23 -37.06 3.11 10.14
N GLY C 24 -37.25 1.85 9.73
CA GLY C 24 -36.94 1.45 8.37
C GLY C 24 -37.90 0.37 7.91
N ASP C 25 -37.97 0.20 6.59
CA ASP C 25 -38.83 -0.79 5.96
C ASP C 25 -38.11 -2.10 5.67
N ALA C 26 -36.89 -2.03 5.13
CA ALA C 26 -36.08 -3.21 4.84
C ALA C 26 -35.26 -3.68 6.03
N LEU C 27 -35.43 -3.05 7.19
CA LEU C 27 -34.71 -3.50 8.38
C LEU C 27 -35.08 -4.90 8.85
N PRO C 28 -36.32 -5.39 8.68
CA PRO C 28 -36.57 -6.81 8.97
C PRO C 28 -35.76 -7.77 8.12
N LYS C 29 -35.16 -7.30 7.02
CA LYS C 29 -34.39 -8.15 6.14
C LYS C 29 -32.92 -7.76 6.02
N LYS C 30 -32.55 -6.54 6.42
CA LYS C 30 -31.18 -6.06 6.36
C LYS C 30 -30.73 -5.64 7.76
N TYR C 31 -29.42 -5.44 7.89
CA TYR C 31 -28.85 -5.06 9.18
C TYR C 31 -28.85 -3.55 9.35
N ALA C 32 -28.39 -3.10 10.52
CA ALA C 32 -28.27 -1.68 10.82
C ALA C 32 -26.93 -1.43 11.49
N TYR C 33 -26.47 -0.18 11.36
CA TYR C 33 -25.19 0.23 11.93
C TYR C 33 -25.39 1.56 12.63
N TRP C 34 -25.10 1.61 13.93
CA TRP C 34 -25.27 2.81 14.72
C TRP C 34 -23.94 3.55 14.82
N PHE C 35 -23.94 4.82 14.45
CA PHE C 35 -22.77 5.67 14.51
C PHE C 35 -23.01 6.85 15.44
N GLN C 36 -21.95 7.31 16.08
CA GLN C 36 -21.98 8.51 16.91
C GLN C 36 -20.98 9.51 16.35
N GLN C 37 -21.40 10.77 16.22
CA GLN C 37 -20.54 11.84 15.71
C GLN C 37 -20.62 13.02 16.67
N LYS C 38 -19.45 13.44 17.17
CA LYS C 38 -19.33 14.63 17.99
C LYS C 38 -19.01 15.84 17.12
N PRO C 39 -19.24 17.06 17.62
CA PRO C 39 -18.94 18.25 16.81
C PRO C 39 -17.48 18.31 16.41
N GLY C 40 -17.25 18.36 15.10
CA GLY C 40 -15.92 18.47 14.53
C GLY C 40 -15.19 17.15 14.35
N GLN C 41 -15.50 16.16 15.17
CA GLN C 41 -14.89 14.84 15.04
C GLN C 41 -15.61 14.02 13.98
N SER C 42 -14.93 13.00 13.50
CA SER C 42 -15.56 12.14 12.50
C SER C 42 -16.31 10.99 13.18
N PRO C 43 -17.28 10.39 12.48
CA PRO C 43 -18.16 9.41 13.13
C PRO C 43 -17.41 8.16 13.58
N VAL C 44 -17.92 7.55 14.64
CA VAL C 44 -17.37 6.33 15.22
C VAL C 44 -18.45 5.25 15.19
N LEU C 45 -18.04 4.00 15.05
CA LEU C 45 -18.97 2.88 14.99
C LEU C 45 -19.40 2.50 16.41
N ILE C 46 -20.71 2.55 16.65
CA ILE C 46 -21.28 2.16 17.94
C ILE C 46 -21.86 0.75 17.90
N ILE C 47 -22.67 0.46 16.88
CA ILE C 47 -23.31 -0.84 16.73
C ILE C 47 -23.14 -1.32 15.30
N TYR C 48 -22.82 -2.60 15.14
CA TYR C 48 -22.80 -3.26 13.84
C TYR C 48 -23.53 -4.59 13.94
N GLU C 49 -24.24 -4.95 12.88
CA GLU C 49 -25.08 -6.15 12.82
C GLU C 49 -26.17 -6.15 13.89
N ASP C 50 -26.54 -4.95 14.34
CA ASP C 50 -27.75 -4.69 15.13
C ASP C 50 -27.68 -5.17 16.57
N SER C 51 -26.69 -5.98 16.93
CA SER C 51 -26.61 -6.49 18.29
C SER C 51 -25.19 -6.59 18.83
N LYS C 52 -24.16 -6.28 18.05
CA LYS C 52 -22.79 -6.48 18.44
C LYS C 52 -22.10 -5.16 18.74
N ARG C 53 -21.13 -5.21 19.66
CA ARG C 53 -20.39 -4.05 20.12
C ARG C 53 -18.92 -4.20 19.75
N PRO C 54 -18.33 -3.21 19.08
CA PRO C 54 -16.91 -3.31 18.74
C PRO C 54 -16.03 -3.12 19.98
N SER C 55 -14.73 -3.30 19.77
CA SER C 55 -13.77 -3.05 20.82
C SER C 55 -13.58 -1.54 21.02
N GLY C 56 -13.09 -1.17 22.21
CA GLY C 56 -12.88 0.22 22.55
C GLY C 56 -14.13 1.00 22.87
N ILE C 57 -15.31 0.42 22.68
CA ILE C 57 -16.58 1.08 23.00
C ILE C 57 -17.02 0.60 24.39
N PRO C 58 -17.52 1.49 25.24
CA PRO C 58 -17.94 1.08 26.59
C PRO C 58 -19.01 -0.01 26.55
N GLU C 59 -19.13 -0.72 27.68
CA GLU C 59 -20.06 -1.82 27.79
C GLU C 59 -21.52 -1.37 27.86
N ARG C 60 -21.78 -0.08 28.07
CA ARG C 60 -23.15 0.38 28.25
C ARG C 60 -23.90 0.52 26.93
N PHE C 61 -23.19 0.78 25.84
CA PHE C 61 -23.83 0.90 24.52
C PHE C 61 -24.28 -0.47 24.05
N SER C 62 -25.59 -0.70 24.05
CA SER C 62 -26.17 -1.93 23.52
C SER C 62 -27.15 -1.59 22.41
N GLY C 63 -27.59 -2.62 21.69
CA GLY C 63 -28.50 -2.41 20.58
C GLY C 63 -29.23 -3.66 20.20
N SER C 64 -30.39 -3.48 19.55
CA SER C 64 -31.21 -4.59 19.09
C SER C 64 -32.21 -4.06 18.07
N SER C 65 -32.32 -4.76 16.94
CA SER C 65 -33.28 -4.44 15.90
C SER C 65 -34.39 -5.48 15.91
N SER C 66 -35.63 -5.02 15.99
CA SER C 66 -36.80 -5.88 16.12
C SER C 66 -37.83 -5.50 15.09
N GLY C 67 -38.03 -6.36 14.09
CA GLY C 67 -39.02 -6.08 13.07
C GLY C 67 -38.66 -4.83 12.28
N THR C 68 -39.66 -3.95 12.11
CA THR C 68 -39.50 -2.74 11.33
C THR C 68 -38.91 -1.58 12.13
N VAL C 69 -38.25 -1.86 13.25
CA VAL C 69 -37.69 -0.81 14.11
C VAL C 69 -36.36 -1.29 14.68
N ALA C 70 -35.33 -0.46 14.55
CA ALA C 70 -34.06 -0.68 15.20
C ALA C 70 -33.96 0.21 16.44
N THR C 71 -33.27 -0.29 17.46
CA THR C 71 -33.23 0.40 18.75
C THR C 71 -31.82 0.41 19.32
N LEU C 72 -31.34 1.60 19.68
CA LEU C 72 -30.07 1.78 20.35
C LEU C 72 -30.34 2.08 21.82
N THR C 73 -29.74 1.30 22.71
CA THR C 73 -29.96 1.42 24.15
C THR C 73 -28.68 1.89 24.83
N ILE C 74 -28.79 2.92 25.65
CA ILE C 74 -27.68 3.49 26.39
C ILE C 74 -28.04 3.40 27.87
N SER C 75 -27.56 2.36 28.55
CA SER C 75 -27.83 2.18 29.97
C SER C 75 -26.80 2.94 30.80
N GLY C 76 -27.28 3.80 31.68
CA GLY C 76 -26.39 4.63 32.46
C GLY C 76 -25.75 5.73 31.63
N ALA C 77 -26.57 6.68 31.18
CA ALA C 77 -26.07 7.75 30.32
C ALA C 77 -25.23 8.74 31.12
N GLN C 78 -24.24 9.31 30.43
CA GLN C 78 -23.33 10.28 31.03
C GLN C 78 -23.24 11.50 30.13
N VAL C 79 -22.72 12.60 30.68
CA VAL C 79 -22.73 13.87 29.97
C VAL C 79 -21.81 13.86 28.75
N GLU C 80 -20.83 12.95 28.71
CA GLU C 80 -19.91 12.90 27.58
C GLU C 80 -20.52 12.23 26.35
N ASP C 81 -21.65 11.55 26.49
CA ASP C 81 -22.33 10.94 25.36
C ASP C 81 -23.21 11.90 24.60
N GLU C 82 -23.28 13.17 25.02
CA GLU C 82 -24.10 14.17 24.34
C GLU C 82 -23.46 14.49 23.00
N ALA C 83 -24.05 13.96 21.93
CA ALA C 83 -23.54 14.16 20.58
C ALA C 83 -24.64 13.75 19.60
N ASP C 84 -24.29 13.69 18.32
CA ASP C 84 -25.22 13.27 17.28
C ASP C 84 -25.15 11.76 17.10
N TYR C 85 -26.30 11.15 16.85
CA TYR C 85 -26.39 9.70 16.68
C TYR C 85 -27.15 9.40 15.39
N TYR C 86 -26.50 8.68 14.48
CA TYR C 86 -27.10 8.28 13.22
C TYR C 86 -27.23 6.77 13.15
N CYS C 87 -28.23 6.32 12.41
CA CYS C 87 -28.31 4.93 11.98
C CYS C 87 -27.97 4.85 10.50
N TYR C 88 -27.69 3.63 10.05
CA TYR C 88 -27.27 3.41 8.68
C TYR C 88 -27.62 1.98 8.29
N SER C 89 -28.02 1.79 7.04
CA SER C 89 -28.45 0.48 6.57
C SER C 89 -28.37 0.46 5.05
N THR C 90 -28.89 -0.62 4.47
CA THR C 90 -28.92 -0.80 3.02
C THR C 90 -30.36 -0.74 2.53
N ASP C 91 -30.51 -0.54 1.23
CA ASP C 91 -31.83 -0.53 0.61
C ASP C 91 -32.34 -1.96 0.49
N SER C 92 -33.48 -2.14 -0.18
CA SER C 92 -34.02 -3.49 -0.37
C SER C 92 -33.06 -4.36 -1.15
N SER C 93 -32.30 -3.78 -2.08
CA SER C 93 -31.33 -4.56 -2.84
C SER C 93 -30.11 -4.91 -1.99
N GLY C 94 -29.74 -4.04 -1.06
CA GLY C 94 -28.62 -4.28 -0.18
C GLY C 94 -27.29 -3.76 -0.67
N TYR C 95 -27.24 -3.14 -1.84
CA TYR C 95 -25.99 -2.66 -2.42
C TYR C 95 -25.87 -1.14 -2.42
N HIS C 96 -26.82 -0.43 -1.82
CA HIS C 96 -26.76 1.02 -1.71
C HIS C 96 -26.84 1.41 -0.24
N GLY C 97 -26.34 2.61 0.05
CA GLY C 97 -26.30 3.10 1.41
C GLY C 97 -27.52 3.94 1.77
N LEU C 98 -27.86 3.91 3.05
CA LEU C 98 -29.00 4.66 3.58
C LEU C 98 -28.63 5.20 4.95
N PHE C 99 -28.69 6.53 5.10
CA PHE C 99 -28.41 7.18 6.37
C PHE C 99 -29.68 7.82 6.93
N GLY C 100 -29.82 7.78 8.26
CA GLY C 100 -30.97 8.37 8.90
C GLY C 100 -30.85 9.88 9.04
N GLY C 101 -31.93 10.48 9.51
CA GLY C 101 -31.95 11.93 9.68
C GLY C 101 -31.07 12.41 10.82
N GLY C 102 -30.92 11.60 11.88
CA GLY C 102 -30.09 11.98 13.00
C GLY C 102 -30.85 12.14 14.29
N THR C 103 -30.16 11.97 15.42
CA THR C 103 -30.76 12.11 16.74
C THR C 103 -29.75 12.83 17.63
N ARG C 104 -29.95 14.13 17.82
CA ARG C 104 -29.09 14.92 18.68
C ARG C 104 -29.48 14.67 20.14
N LEU C 105 -28.58 14.08 20.90
CA LEU C 105 -28.86 13.74 22.29
C LEU C 105 -28.65 14.94 23.19
N THR C 106 -29.39 14.96 24.30
CA THR C 106 -29.32 16.06 25.26
C THR C 106 -29.30 15.49 26.67
N VAL C 107 -28.32 15.92 27.47
CA VAL C 107 -28.20 15.53 28.87
C VAL C 107 -28.41 16.77 29.72
N LEU C 108 -29.33 16.70 30.68
CA LEU C 108 -29.77 17.90 31.45
C LEU C 108 -29.06 18.06 32.79
N GLY C 109 -28.01 17.30 33.06
CA GLY C 109 -27.33 17.45 34.35
C GLY C 109 -26.74 18.83 34.55
N GLN C 110 -26.14 19.43 33.53
CA GLN C 110 -25.45 20.72 33.72
C GLN C 110 -26.43 21.82 34.13
N PRO C 111 -25.97 22.79 34.95
CA PRO C 111 -26.81 23.85 35.48
C PRO C 111 -26.91 25.02 34.51
N LYS C 112 -27.93 25.84 34.71
CA LYS C 112 -28.20 26.96 33.82
C LYS C 112 -27.10 28.01 33.94
N ALA C 113 -26.74 28.61 32.81
CA ALA C 113 -25.68 29.61 32.76
C ALA C 113 -26.20 30.87 32.11
N ALA C 114 -26.19 31.97 32.86
CA ALA C 114 -26.56 33.26 32.28
C ALA C 114 -25.48 33.70 31.29
N PRO C 115 -25.89 34.37 30.21
CA PRO C 115 -24.90 34.79 29.21
C PRO C 115 -24.06 35.95 29.69
N SER C 116 -22.80 35.97 29.23
CA SER C 116 -21.90 37.10 29.43
C SER C 116 -21.83 37.89 28.12
N VAL C 117 -22.29 39.14 28.16
CA VAL C 117 -22.44 39.96 26.97
C VAL C 117 -21.49 41.14 27.05
N THR C 118 -20.84 41.45 25.93
CA THR C 118 -19.93 42.58 25.82
C THR C 118 -20.28 43.37 24.58
N LEU C 119 -20.53 44.67 24.74
CA LEU C 119 -20.90 45.55 23.64
C LEU C 119 -19.74 46.49 23.31
N PHE C 120 -19.34 46.50 22.05
CA PHE C 120 -18.25 47.33 21.57
C PHE C 120 -18.76 48.32 20.52
N PRO C 121 -18.51 49.62 20.70
CA PRO C 121 -18.90 50.60 19.68
C PRO C 121 -17.93 50.58 18.52
N PRO C 122 -18.19 51.34 17.45
CA PRO C 122 -17.26 51.37 16.33
C PRO C 122 -15.92 51.99 16.71
N SER C 123 -14.87 51.54 16.02
CA SER C 123 -13.53 52.03 16.27
C SER C 123 -13.37 53.46 15.74
N SER C 124 -12.27 54.10 16.15
CA SER C 124 -12.03 55.48 15.75
C SER C 124 -11.65 55.59 14.28
N GLU C 125 -10.96 54.59 13.73
CA GLU C 125 -10.55 54.65 12.34
C GLU C 125 -11.70 54.37 11.38
N GLU C 126 -12.71 53.62 11.82
CA GLU C 126 -13.82 53.29 10.95
C GLU C 126 -14.75 54.47 10.71
N LEU C 127 -14.84 55.40 11.66
CA LEU C 127 -15.66 56.58 11.46
C LEU C 127 -15.06 57.53 10.43
N GLN C 128 -13.72 57.59 10.35
CA GLN C 128 -13.08 58.35 9.29
C GLN C 128 -13.31 57.70 7.93
N ALA C 129 -13.51 56.39 7.89
CA ALA C 129 -13.88 55.67 6.69
C ALA C 129 -15.38 55.78 6.38
N ASN C 130 -16.12 56.57 7.15
CA ASN C 130 -17.55 56.78 6.95
C ASN C 130 -18.33 55.47 7.05
N LYS C 131 -17.89 54.59 7.95
CA LYS C 131 -18.57 53.33 8.23
C LYS C 131 -18.62 53.13 9.74
N ALA C 132 -19.29 52.07 10.17
CA ALA C 132 -19.43 51.77 11.59
C ALA C 132 -19.85 50.32 11.76
N THR C 133 -19.45 49.74 12.89
CA THR C 133 -19.82 48.37 13.21
C THR C 133 -19.96 48.24 14.72
N LEU C 134 -21.11 47.77 15.17
CA LEU C 134 -21.36 47.47 16.57
C LEU C 134 -21.14 45.98 16.80
N VAL C 135 -20.44 45.64 17.88
CA VAL C 135 -20.02 44.27 18.16
C VAL C 135 -20.66 43.82 19.46
N CYS C 136 -21.55 42.84 19.39
CA CYS C 136 -22.20 42.26 20.56
C CYS C 136 -21.70 40.83 20.71
N LEU C 137 -20.98 40.57 21.80
CA LEU C 137 -20.31 39.30 22.04
C LEU C 137 -21.00 38.55 23.17
N ILE C 138 -21.24 37.25 22.95
CA ILE C 138 -21.94 36.40 23.92
C ILE C 138 -21.06 35.20 24.22
N SER C 139 -20.89 34.90 25.51
CA SER C 139 -20.09 33.74 25.90
C SER C 139 -20.61 33.20 27.23
N ASP C 140 -20.28 31.93 27.48
CA ASP C 140 -20.50 31.30 28.79
C ASP C 140 -21.97 31.24 29.15
N PHE C 141 -22.79 30.76 28.22
CA PHE C 141 -24.22 30.55 28.48
C PHE C 141 -24.60 29.13 28.11
N TYR C 142 -25.71 28.67 28.71
CA TYR C 142 -26.22 27.33 28.47
C TYR C 142 -27.70 27.31 28.84
N PRO C 143 -28.56 26.65 28.05
CA PRO C 143 -28.24 25.95 26.81
C PRO C 143 -28.04 26.88 25.62
N GLY C 144 -27.73 26.31 24.46
CA GLY C 144 -27.43 27.08 23.28
C GLY C 144 -28.66 27.59 22.55
N ALA C 145 -29.32 28.60 23.11
CA ALA C 145 -30.50 29.19 22.48
C ALA C 145 -30.61 30.63 22.97
N VAL C 146 -30.26 31.58 22.11
CA VAL C 146 -30.33 33.01 22.43
C VAL C 146 -31.07 33.73 21.31
N GLU C 147 -31.62 34.89 21.65
CA GLU C 147 -32.33 35.75 20.72
C GLU C 147 -31.71 37.14 20.76
N VAL C 148 -31.10 37.55 19.66
CA VAL C 148 -30.41 38.83 19.58
C VAL C 148 -31.32 39.85 18.91
N ALA C 149 -31.43 41.03 19.52
CA ALA C 149 -32.13 42.15 18.93
C ALA C 149 -31.33 43.42 19.19
N TRP C 150 -31.49 44.40 18.31
CA TRP C 150 -30.79 45.67 18.42
C TRP C 150 -31.80 46.81 18.53
N LYS C 151 -31.46 47.83 19.31
CA LYS C 151 -32.37 48.93 19.61
C LYS C 151 -31.62 50.24 19.45
N ALA C 152 -31.96 50.98 18.39
CA ALA C 152 -31.38 52.29 18.12
C ALA C 152 -32.30 53.37 18.66
N ASP C 153 -31.80 54.13 19.65
CA ASP C 153 -32.59 55.17 20.31
C ASP C 153 -33.91 54.62 20.86
N GLY C 154 -33.84 53.39 21.38
CA GLY C 154 -35.01 52.69 21.87
C GLY C 154 -35.77 51.94 20.81
N SER C 155 -35.91 52.54 19.62
CA SER C 155 -36.63 51.90 18.53
C SER C 155 -35.89 50.66 18.04
N ALA C 156 -36.64 49.78 17.38
CA ALA C 156 -36.09 48.52 16.91
C ALA C 156 -35.21 48.74 15.67
N VAL C 157 -34.36 47.75 15.40
CA VAL C 157 -33.50 47.75 14.22
C VAL C 157 -33.89 46.55 13.38
N ASN C 158 -34.33 46.80 12.15
CA ASN C 158 -34.83 45.75 11.27
C ASN C 158 -33.73 45.14 10.42
N ALA C 159 -32.97 45.97 9.70
CA ALA C 159 -31.94 45.48 8.80
C ALA C 159 -30.55 45.71 9.42
N GLY C 160 -29.53 45.23 8.71
CA GLY C 160 -28.15 45.41 9.13
C GLY C 160 -27.67 44.43 10.18
N VAL C 161 -28.56 43.64 10.78
CA VAL C 161 -28.17 42.72 11.84
C VAL C 161 -27.59 41.45 11.23
N GLU C 162 -26.50 40.96 11.81
CA GLU C 162 -25.90 39.68 11.45
C GLU C 162 -25.68 38.88 12.72
N THR C 163 -26.15 37.63 12.73
CA THR C 163 -26.09 36.79 13.92
C THR C 163 -25.62 35.40 13.53
N THR C 164 -24.76 34.82 14.36
CA THR C 164 -24.26 33.48 14.15
C THR C 164 -25.11 32.46 14.90
N LYS C 165 -24.85 31.19 14.62
CA LYS C 165 -25.47 30.11 15.38
C LYS C 165 -24.74 29.93 16.72
N PRO C 166 -25.44 29.47 17.75
CA PRO C 166 -24.77 29.19 19.04
C PRO C 166 -23.70 28.12 18.88
N SER C 167 -22.46 28.50 19.17
CA SER C 167 -21.32 27.60 19.07
C SER C 167 -20.84 27.21 20.46
N LYS C 168 -20.29 25.99 20.55
CA LYS C 168 -19.92 25.40 21.84
C LYS C 168 -18.46 25.69 22.16
N GLN C 169 -18.20 25.95 23.44
CA GLN C 169 -16.84 26.14 23.94
C GLN C 169 -16.40 24.89 24.69
N SER C 170 -15.22 24.98 25.30
CA SER C 170 -14.72 23.93 26.21
C SER C 170 -15.00 24.31 27.66
N ASN C 171 -16.28 24.54 27.95
CA ASN C 171 -16.72 25.04 29.24
C ASN C 171 -17.68 24.11 29.99
N ASN C 172 -18.71 23.53 29.36
CA ASN C 172 -19.00 23.56 27.92
C ASN C 172 -20.18 24.48 27.59
N LYS C 173 -20.25 25.62 28.29
CA LYS C 173 -21.24 26.62 27.97
C LYS C 173 -21.00 27.19 26.57
N TYR C 174 -22.08 27.61 25.92
CA TYR C 174 -22.02 28.01 24.52
C TYR C 174 -21.54 29.45 24.39
N ALA C 175 -21.32 29.85 23.13
CA ALA C 175 -20.86 31.20 22.81
C ALA C 175 -21.29 31.54 21.39
N ALA C 176 -21.56 32.82 21.18
CA ALA C 176 -21.97 33.29 19.86
C ALA C 176 -21.61 34.77 19.75
N SER C 177 -21.71 35.28 18.52
CA SER C 177 -21.40 36.68 18.24
C SER C 177 -22.48 37.25 17.33
N SER C 178 -22.63 38.58 17.39
CA SER C 178 -23.61 39.26 16.57
C SER C 178 -23.06 40.65 16.23
N TYR C 179 -23.00 40.95 14.94
CA TYR C 179 -22.44 42.21 14.46
C TYR C 179 -23.53 43.04 13.79
N LEU C 180 -23.44 44.35 13.94
CA LEU C 180 -24.38 45.29 13.34
C LEU C 180 -23.61 46.22 12.41
N SER C 181 -23.85 46.09 11.11
CA SER C 181 -23.20 46.91 10.11
C SER C 181 -23.96 48.22 9.95
N LEU C 182 -23.24 49.33 9.93
CA LEU C 182 -23.84 50.64 9.78
C LEU C 182 -22.86 51.57 9.10
N THR C 183 -23.32 52.78 8.80
CA THR C 183 -22.47 53.85 8.31
C THR C 183 -22.29 54.88 9.42
N SER C 184 -21.23 55.70 9.27
CA SER C 184 -20.96 56.72 10.27
C SER C 184 -22.12 57.71 10.39
N ASP C 185 -22.84 57.94 9.30
CA ASP C 185 -23.96 58.89 9.34
C ASP C 185 -25.10 58.35 10.21
N GLN C 186 -25.46 57.08 10.03
CA GLN C 186 -26.49 56.49 10.87
C GLN C 186 -25.99 56.26 12.30
N TRP C 187 -24.70 56.01 12.47
CA TRP C 187 -24.15 55.90 13.82
C TRP C 187 -24.25 57.23 14.56
N LYS C 188 -24.08 58.34 13.84
CA LYS C 188 -24.17 59.66 14.43
C LYS C 188 -25.54 60.31 14.21
N SER C 189 -26.52 59.55 13.73
CA SER C 189 -27.88 60.03 13.58
C SER C 189 -28.79 59.61 14.74
N HIS C 190 -28.23 58.93 15.75
CA HIS C 190 -28.99 58.53 16.92
C HIS C 190 -28.20 58.87 18.18
N LYS C 191 -28.66 58.39 19.33
CA LYS C 191 -27.98 58.72 20.58
C LYS C 191 -27.58 57.48 21.38
N SER C 192 -28.39 56.43 21.38
CA SER C 192 -28.12 55.25 22.19
C SER C 192 -28.42 53.99 21.39
N TYR C 193 -27.48 53.05 21.39
CA TYR C 193 -27.63 51.76 20.73
C TYR C 193 -27.51 50.66 21.78
N SER C 194 -28.48 49.75 21.79
CA SER C 194 -28.55 48.70 22.79
C SER C 194 -28.60 47.33 22.13
N CYS C 195 -27.92 46.36 22.73
CA CYS C 195 -27.94 44.98 22.27
C CYS C 195 -28.71 44.13 23.28
N GLN C 196 -29.93 43.76 22.93
CA GLN C 196 -30.73 42.89 23.76
C GLN C 196 -30.40 41.43 23.45
N VAL C 197 -30.08 40.67 24.49
CA VAL C 197 -29.73 39.26 24.37
C VAL C 197 -30.67 38.46 25.25
N THR C 198 -31.56 37.69 24.65
CA THR C 198 -32.54 36.89 25.37
C THR C 198 -32.03 35.47 25.55
N HIS C 199 -32.05 34.98 26.79
CA HIS C 199 -31.61 33.61 27.07
C HIS C 199 -32.40 33.09 28.26
N GLU C 200 -33.32 32.16 28.01
CA GLU C 200 -34.07 31.47 29.06
C GLU C 200 -34.83 32.46 29.93
N GLY C 201 -35.60 33.35 29.29
CA GLY C 201 -36.35 34.36 30.02
C GLY C 201 -35.47 35.30 30.80
N SER C 202 -34.31 35.67 30.25
CA SER C 202 -33.36 36.54 30.94
C SER C 202 -32.69 37.41 29.87
N THR C 203 -33.19 38.63 29.73
CA THR C 203 -32.64 39.57 28.76
C THR C 203 -31.48 40.32 29.37
N VAL C 204 -30.42 40.50 28.57
CA VAL C 204 -29.26 41.30 28.95
C VAL C 204 -29.17 42.47 27.98
N GLU C 205 -29.11 43.68 28.51
CA GLU C 205 -29.04 44.89 27.71
C GLU C 205 -27.74 45.63 27.98
N LYS C 206 -27.02 45.97 26.91
CA LYS C 206 -25.83 46.79 26.98
C LYS C 206 -25.99 47.95 26.01
N THR C 207 -25.45 49.11 26.37
CA THR C 207 -25.70 50.33 25.61
C THR C 207 -24.39 51.04 25.30
N VAL C 208 -24.33 51.65 24.11
CA VAL C 208 -23.21 52.49 23.71
C VAL C 208 -23.78 53.79 23.14
N ALA C 209 -23.01 54.87 23.28
CA ALA C 209 -23.42 56.20 22.85
C ALA C 209 -22.22 56.96 22.31
N PRO C 210 -22.41 57.76 21.25
CA PRO C 210 -21.28 58.51 20.68
C PRO C 210 -20.85 59.68 21.55
N ALA C 211 -20.18 59.38 22.67
CA ALA C 211 -19.74 60.42 23.59
C ALA C 211 -18.51 59.96 24.38
#